data_8B8E
#
_entry.id   8B8E
#
_cell.length_a   83.039
_cell.length_b   37.860
_cell.length_c   142.609
_cell.angle_alpha   90.000
_cell.angle_beta   104.270
_cell.angle_gamma   90.000
#
_symmetry.space_group_name_H-M   'P 1 21 1'
#
loop_
_entity.id
_entity.type
_entity.pdbx_description
1 polymer BmGH11
2 non-polymer 1,2-ETHANEDIOL
3 non-polymer DI(HYDROXYETHYL)ETHER
4 non-polymer 'TRIETHYLENE GLYCOL'
5 non-polymer 'SODIUM ION'
6 non-polymer GLYCEROL
7 non-polymer TRIS-HYDROXYMETHYL-METHYL-AMMONIUM
8 non-polymer 'PHOSPHATE ION'
9 water water
#
_entity_poly.entity_id   1
_entity_poly.type   'polypeptide(L)'
_entity_poly.pdbx_seq_one_letter_code
;MKLSNAITAICAAAVLAAPLEEEEVAKRSVTPSSTGTNNGYYYSFWSDGGGDVTYTNGNGGSYSVEWTNCGNFVGGKGWN
PGAAREINFSGSFNPSGNGYLSVYGWTTNPLVEYYIVESYGDYNPGTAGTFLGTVDSDGSTYDIYKAVRTNAPSIEGTAT
FDQYWSIRRNHRTSGTVNTGNHFNAWAQHGLQLGTHNYQIVATEGYQSSGSSSITVSVDHHHHHH
;
_entity_poly.pdbx_strand_id   A,B,C,D,E
#
# COMPACT_ATOMS: atom_id res chain seq x y z
N SER A 29 -3.45 -50.15 -12.95
CA SER A 29 -3.07 -49.77 -11.60
C SER A 29 -2.41 -48.39 -11.56
N VAL A 30 -2.63 -47.66 -10.48
CA VAL A 30 -2.10 -46.31 -10.35
C VAL A 30 -1.33 -46.21 -9.04
N THR A 31 -0.29 -45.40 -9.08
CA THR A 31 0.32 -44.89 -7.87
C THR A 31 -0.78 -44.30 -6.98
N PRO A 32 -0.75 -44.54 -5.66
CA PRO A 32 -1.77 -43.93 -4.81
C PRO A 32 -1.57 -42.42 -4.76
N SER A 33 -2.69 -41.68 -4.68
CA SER A 33 -2.60 -40.23 -4.54
C SER A 33 -1.87 -39.88 -3.24
N SER A 34 -1.01 -38.87 -3.29
CA SER A 34 -0.24 -38.50 -2.11
C SER A 34 0.30 -37.09 -2.28
N THR A 35 0.62 -36.46 -1.16
CA THR A 35 1.08 -35.08 -1.14
C THR A 35 2.15 -34.95 -0.07
N GLY A 36 2.94 -33.88 -0.17
CA GLY A 36 3.80 -33.50 0.92
C GLY A 36 5.19 -33.07 0.49
N THR A 37 6.17 -33.28 1.38
CA THR A 37 7.51 -32.82 1.22
C THR A 37 8.39 -33.94 0.66
N ASN A 38 9.26 -33.57 -0.27
CA ASN A 38 10.29 -34.51 -0.76
C ASN A 38 11.49 -33.67 -1.16
N ASN A 39 12.62 -33.93 -0.49
CA ASN A 39 13.89 -33.22 -0.79
C ASN A 39 13.74 -31.71 -0.79
N GLY A 40 12.92 -31.19 0.14
CA GLY A 40 12.74 -29.77 0.31
C GLY A 40 11.72 -29.13 -0.62
N TYR A 41 11.10 -29.90 -1.49
CA TYR A 41 10.05 -29.45 -2.36
C TYR A 41 8.67 -29.96 -1.92
N TYR A 42 7.64 -29.21 -2.25
CA TYR A 42 6.29 -29.74 -2.15
C TYR A 42 6.05 -30.59 -3.40
N TYR A 43 5.25 -31.67 -3.23
CA TYR A 43 4.69 -32.36 -4.39
C TYR A 43 3.25 -32.76 -4.14
N SER A 44 2.52 -32.94 -5.24
CA SER A 44 1.20 -33.55 -5.18
C SER A 44 1.05 -34.49 -6.35
N PHE A 45 0.55 -35.70 -6.10
CA PHE A 45 0.14 -36.58 -7.16
C PHE A 45 -1.30 -37.03 -6.86
N TRP A 46 -2.19 -36.88 -7.82
CA TRP A 46 -3.58 -37.20 -7.68
C TRP A 46 -4.08 -37.87 -8.95
N SER A 47 -4.92 -38.89 -8.80
CA SER A 47 -5.55 -39.48 -9.95
C SER A 47 -6.94 -39.95 -9.55
N ASP A 48 -7.75 -40.21 -10.57
CA ASP A 48 -9.08 -40.78 -10.33
C ASP A 48 -9.08 -42.29 -10.38
N GLY A 49 -7.90 -42.94 -10.32
CA GLY A 49 -7.76 -44.36 -10.33
C GLY A 49 -7.84 -45.02 -11.68
N GLY A 50 -8.09 -44.27 -12.75
CA GLY A 50 -8.30 -44.87 -14.03
C GLY A 50 -7.00 -45.26 -14.70
N GLY A 51 -7.04 -46.37 -15.43
CA GLY A 51 -5.95 -46.77 -16.27
C GLY A 51 -4.70 -47.15 -15.49
N ASP A 52 -3.55 -46.95 -16.14
CA ASP A 52 -2.25 -47.22 -15.56
C ASP A 52 -1.46 -45.91 -15.46
N VAL A 53 -1.04 -45.54 -14.26
CA VAL A 53 -0.29 -44.32 -14.03
C VAL A 53 0.77 -44.63 -12.97
N THR A 54 2.01 -44.29 -13.27
CA THR A 54 3.14 -44.50 -12.35
C THR A 54 3.86 -43.16 -12.15
N TYR A 55 3.69 -42.58 -10.98
CA TYR A 55 4.31 -41.31 -10.59
C TYR A 55 5.49 -41.64 -9.70
N THR A 56 6.65 -41.03 -9.97
CA THR A 56 7.87 -41.31 -9.20
C THR A 56 8.62 -40.05 -8.88
N ASN A 57 8.65 -39.68 -7.61
CA ASN A 57 9.57 -38.64 -7.18
C ASN A 57 11.01 -39.13 -7.31
N GLY A 58 11.89 -38.23 -7.77
CA GLY A 58 13.31 -38.48 -7.91
C GLY A 58 14.11 -37.53 -7.05
N ASN A 59 15.42 -37.48 -7.26
CA ASN A 59 16.24 -36.65 -6.39
C ASN A 59 15.97 -35.16 -6.61
N GLY A 60 16.28 -34.36 -5.60
CA GLY A 60 16.12 -32.92 -5.74
C GLY A 60 14.72 -32.53 -6.16
N GLY A 61 14.63 -31.69 -7.19
CA GLY A 61 13.34 -31.23 -7.67
C GLY A 61 12.77 -32.05 -8.80
N SER A 62 13.18 -33.30 -8.95
CA SER A 62 12.82 -34.08 -10.12
C SER A 62 11.66 -35.06 -9.79
N TYR A 63 10.90 -35.38 -10.83
CA TYR A 63 9.85 -36.37 -10.78
C TYR A 63 9.65 -36.90 -12.20
N SER A 64 9.03 -38.08 -12.30
CA SER A 64 8.61 -38.61 -13.59
C SER A 64 7.21 -39.22 -13.48
N VAL A 65 6.55 -39.30 -14.63
CA VAL A 65 5.26 -39.96 -14.76
C VAL A 65 5.28 -40.77 -16.05
N GLU A 66 4.76 -42.02 -15.98
CA GLU A 66 4.46 -42.80 -17.18
C GLU A 66 3.00 -43.25 -17.06
N TRP A 67 2.25 -43.19 -18.17
CA TRP A 67 0.85 -43.53 -18.07
C TRP A 67 0.31 -44.14 -19.36
N THR A 68 -0.71 -45.00 -19.19
CA THR A 68 -1.37 -45.67 -20.32
C THR A 68 -2.87 -45.59 -20.12
N ASN A 69 -3.57 -45.01 -21.08
CA ASN A 69 -5.00 -44.83 -21.03
C ASN A 69 -5.48 -44.48 -19.63
N CYS A 70 -4.92 -43.37 -19.12
CA CYS A 70 -5.30 -42.88 -17.81
C CYS A 70 -6.74 -42.38 -17.82
N GLY A 71 -7.26 -42.11 -16.63
CA GLY A 71 -8.47 -41.33 -16.51
C GLY A 71 -8.10 -39.86 -16.52
N ASN A 72 -7.87 -39.32 -15.32
CA ASN A 72 -7.33 -37.99 -15.13
C ASN A 72 -6.31 -38.09 -13.99
N PHE A 73 -5.14 -37.51 -14.19
CA PHE A 73 -4.17 -37.40 -13.13
C PHE A 73 -3.47 -36.08 -13.23
N VAL A 74 -2.91 -35.64 -12.09
CA VAL A 74 -2.11 -34.42 -12.05
C VAL A 74 -1.00 -34.67 -11.06
N GLY A 75 0.25 -34.47 -11.46
CA GLY A 75 1.33 -34.64 -10.51
C GLY A 75 2.55 -33.80 -10.80
N GLY A 76 3.24 -33.42 -9.74
CA GLY A 76 4.51 -32.77 -9.92
C GLY A 76 5.01 -32.10 -8.67
N LYS A 77 6.15 -31.41 -8.83
CA LYS A 77 6.88 -30.82 -7.72
C LYS A 77 6.86 -29.31 -7.80
N GLY A 78 7.02 -28.70 -6.64
CA GLY A 78 6.97 -27.24 -6.51
C GLY A 78 7.03 -26.80 -5.05
N TRP A 79 6.05 -25.98 -4.69
CA TRP A 79 6.10 -25.22 -3.44
C TRP A 79 4.69 -25.07 -2.89
N ASN A 80 4.62 -24.90 -1.59
CA ASN A 80 3.35 -24.67 -0.90
C ASN A 80 3.65 -23.77 0.28
N PRO A 81 3.25 -22.50 0.24
CA PRO A 81 2.37 -21.93 -0.78
C PRO A 81 3.10 -21.41 -2.05
N GLY A 82 2.34 -21.18 -3.08
CA GLY A 82 2.84 -20.54 -4.25
C GLY A 82 3.16 -19.06 -4.00
N ALA A 83 3.67 -18.41 -5.04
CA ALA A 83 4.05 -17.01 -4.98
C ALA A 83 4.24 -16.53 -6.41
N ALA A 84 4.45 -15.22 -6.54
CA ALA A 84 4.88 -14.59 -7.79
C ALA A 84 6.38 -14.79 -7.89
N ARG A 85 6.80 -15.89 -8.50
CA ARG A 85 8.20 -16.27 -8.54
C ARG A 85 8.56 -16.71 -9.96
N GLU A 86 9.85 -16.79 -10.19
CA GLU A 86 10.38 -17.31 -11.44
C GLU A 86 10.71 -18.78 -11.26
N ILE A 87 9.96 -19.62 -11.96
CA ILE A 87 10.10 -21.07 -11.81
C ILE A 87 10.91 -21.61 -12.97
N ASN A 88 12.00 -22.30 -12.67
CA ASN A 88 12.78 -22.99 -13.69
C ASN A 88 12.34 -24.43 -13.81
N PHE A 89 12.18 -24.90 -15.03
CA PHE A 89 11.74 -26.27 -15.28
C PHE A 89 12.50 -26.79 -16.48
N SER A 90 12.71 -28.09 -16.49
CA SER A 90 13.43 -28.72 -17.59
C SER A 90 13.11 -30.22 -17.61
N GLY A 91 13.30 -30.83 -18.75
CA GLY A 91 13.12 -32.28 -18.85
C GLY A 91 12.43 -32.68 -20.12
N SER A 92 11.69 -33.77 -20.04
CA SER A 92 11.00 -34.33 -21.18
CA SER A 92 11.00 -34.34 -21.18
C SER A 92 9.50 -34.39 -20.90
N PHE A 93 8.72 -34.28 -21.96
CA PHE A 93 7.27 -34.34 -21.88
C PHE A 93 6.80 -34.90 -23.21
N ASN A 94 6.17 -36.09 -23.15
CA ASN A 94 5.86 -36.88 -24.34
C ASN A 94 4.44 -37.39 -24.28
N PRO A 95 3.49 -36.50 -24.47
CA PRO A 95 2.09 -36.92 -24.45
C PRO A 95 1.68 -37.57 -25.77
N SER A 96 0.89 -38.63 -25.65
CA SER A 96 0.27 -39.34 -26.76
C SER A 96 -1.23 -39.11 -26.55
N GLY A 97 -1.72 -38.02 -27.13
CA GLY A 97 -3.05 -37.58 -26.82
C GLY A 97 -3.04 -36.35 -25.92
N ASN A 98 -4.06 -36.26 -25.08
CA ASN A 98 -4.30 -35.08 -24.25
C ASN A 98 -3.48 -35.14 -22.96
N GLY A 99 -2.47 -34.30 -22.87
CA GLY A 99 -1.73 -34.10 -21.64
C GLY A 99 -1.14 -32.71 -21.67
N TYR A 100 -0.89 -32.16 -20.47
CA TYR A 100 -0.36 -30.82 -20.31
C TYR A 100 0.87 -30.84 -19.42
N LEU A 101 1.76 -29.89 -19.66
CA LEU A 101 2.87 -29.53 -18.76
C LEU A 101 2.67 -28.07 -18.41
N SER A 102 2.45 -27.78 -17.14
CA SER A 102 2.05 -26.45 -16.73
C SER A 102 2.62 -26.03 -15.38
N VAL A 103 2.85 -24.74 -15.16
CA VAL A 103 2.79 -24.22 -13.80
C VAL A 103 1.33 -24.25 -13.39
N TYR A 104 1.02 -24.96 -12.31
CA TYR A 104 -0.32 -25.30 -11.90
C TYR A 104 -0.43 -25.06 -10.41
N GLY A 105 -1.52 -24.41 -10.01
CA GLY A 105 -1.67 -24.13 -8.60
C GLY A 105 -3.06 -23.70 -8.23
N TRP A 106 -3.21 -23.33 -6.96
CA TRP A 106 -4.49 -22.96 -6.38
C TRP A 106 -4.29 -21.71 -5.51
N THR A 107 -5.35 -20.91 -5.39
CA THR A 107 -5.55 -19.98 -4.31
C THR A 107 -6.89 -20.26 -3.62
N THR A 108 -7.05 -19.67 -2.44
CA THR A 108 -8.30 -19.76 -1.69
C THR A 108 -8.81 -18.35 -1.38
N ASN A 109 -10.12 -18.23 -1.22
CA ASN A 109 -10.76 -16.97 -0.85
C ASN A 109 -10.32 -15.83 -1.77
N PRO A 110 -10.60 -15.91 -3.07
CA PRO A 110 -11.42 -16.97 -3.67
C PRO A 110 -10.64 -18.22 -4.11
N LEU A 111 -11.38 -19.32 -4.15
CA LEU A 111 -10.89 -20.58 -4.69
C LEU A 111 -10.69 -20.45 -6.21
N VAL A 112 -9.45 -20.65 -6.67
CA VAL A 112 -9.11 -20.56 -8.07
C VAL A 112 -8.12 -21.64 -8.40
N GLU A 113 -8.34 -22.34 -9.50
CA GLU A 113 -7.38 -23.27 -10.09
C GLU A 113 -6.77 -22.55 -11.29
N TYR A 114 -5.43 -22.50 -11.36
CA TYR A 114 -4.79 -21.79 -12.45
C TYR A 114 -3.73 -22.66 -13.14
N TYR A 115 -3.54 -22.37 -14.42
CA TYR A 115 -2.62 -23.05 -15.30
C TYR A 115 -1.82 -22.06 -16.12
N ILE A 116 -0.52 -22.27 -16.18
CA ILE A 116 0.35 -21.59 -17.14
C ILE A 116 0.92 -22.75 -17.94
N VAL A 117 0.30 -23.03 -19.08
CA VAL A 117 0.55 -24.23 -19.84
C VAL A 117 1.71 -24.00 -20.79
N GLU A 118 2.82 -24.70 -20.55
CA GLU A 118 4.01 -24.55 -21.37
C GLU A 118 4.03 -25.49 -22.55
N SER A 119 3.38 -26.63 -22.45
CA SER A 119 3.26 -27.57 -23.54
C SER A 119 1.98 -28.37 -23.37
N TYR A 120 1.43 -28.80 -24.50
CA TYR A 120 0.29 -29.70 -24.46
C TYR A 120 0.41 -30.64 -25.65
N GLY A 121 -0.47 -31.62 -25.68
CA GLY A 121 -0.47 -32.65 -26.71
C GLY A 121 -1.46 -32.32 -27.78
N ASP A 122 -2.48 -33.16 -27.97
CA ASP A 122 -3.41 -32.95 -29.09
C ASP A 122 -4.60 -32.07 -28.74
N TYR A 123 -4.73 -31.62 -27.50
CA TYR A 123 -5.89 -30.84 -27.05
C TYR A 123 -5.41 -29.55 -26.42
N ASN A 124 -5.91 -28.42 -26.94
CA ASN A 124 -5.67 -27.11 -26.35
C ASN A 124 -6.70 -26.90 -25.26
N PRO A 125 -6.31 -26.91 -23.99
CA PRO A 125 -7.32 -26.87 -22.91
C PRO A 125 -8.05 -25.54 -22.81
N GLY A 126 -7.70 -24.53 -23.64
CA GLY A 126 -8.52 -23.33 -23.73
C GLY A 126 -9.80 -23.50 -24.50
N THR A 127 -9.90 -24.58 -25.27
CA THR A 127 -11.15 -24.91 -25.93
C THR A 127 -12.31 -24.81 -24.95
N ALA A 128 -12.09 -25.25 -23.70
CA ALA A 128 -13.17 -25.35 -22.73
C ALA A 128 -13.49 -24.02 -22.05
N GLY A 129 -12.67 -23.00 -22.25
CA GLY A 129 -12.89 -21.72 -21.62
C GLY A 129 -13.28 -20.62 -22.60
N THR A 130 -13.41 -19.46 -22.04
CA THR A 130 -13.67 -18.24 -22.82
C THR A 130 -12.37 -17.48 -23.04
N PHE A 131 -12.07 -17.19 -24.30
CA PHE A 131 -10.89 -16.42 -24.69
C PHE A 131 -11.00 -14.98 -24.25
N LEU A 132 -10.02 -14.51 -23.48
CA LEU A 132 -10.03 -13.16 -22.94
C LEU A 132 -8.93 -12.27 -23.53
N GLY A 133 -7.98 -12.83 -24.26
CA GLY A 133 -6.83 -12.07 -24.72
C GLY A 133 -5.51 -12.76 -24.60
N THR A 134 -4.45 -11.97 -24.47
CA THR A 134 -3.09 -12.49 -24.58
C THR A 134 -2.18 -11.83 -23.55
N VAL A 135 -1.07 -12.49 -23.30
CA VAL A 135 0.04 -11.95 -22.53
C VAL A 135 1.34 -12.49 -23.15
N ASP A 136 2.36 -11.63 -23.22
CA ASP A 136 3.70 -12.04 -23.65
C ASP A 136 4.56 -12.24 -22.42
N SER A 137 5.20 -13.40 -22.31
CA SER A 137 6.09 -13.68 -21.19
C SER A 137 7.09 -14.74 -21.60
N ASP A 138 8.35 -14.55 -21.15
CA ASP A 138 9.39 -15.55 -21.26
C ASP A 138 9.49 -16.09 -22.68
N GLY A 139 9.37 -15.18 -23.67
CA GLY A 139 9.71 -15.54 -25.01
C GLY A 139 8.59 -16.00 -25.87
N SER A 140 7.35 -15.90 -25.39
CA SER A 140 6.21 -16.33 -26.17
C SER A 140 4.97 -15.52 -25.81
N THR A 141 4.09 -15.41 -26.79
CA THR A 141 2.72 -14.95 -26.54
C THR A 141 1.96 -16.15 -25.92
N TYR A 142 1.09 -15.86 -24.97
CA TYR A 142 0.16 -16.80 -24.38
C TYR A 142 -1.26 -16.34 -24.65
N ASP A 143 -2.13 -17.29 -24.94
CA ASP A 143 -3.58 -17.05 -24.94
C ASP A 143 -4.21 -17.34 -23.58
N ILE A 144 -5.07 -16.42 -23.15
CA ILE A 144 -5.66 -16.40 -21.83
C ILE A 144 -7.14 -16.80 -21.94
N TYR A 145 -7.55 -17.67 -21.05
CA TYR A 145 -8.92 -18.16 -20.99
C TYR A 145 -9.39 -18.26 -19.55
N LYS A 146 -10.69 -18.09 -19.35
CA LYS A 146 -11.34 -18.35 -18.06
C LYS A 146 -12.38 -19.41 -18.31
N ALA A 147 -12.41 -20.42 -17.40
CA ALA A 147 -13.46 -21.43 -17.41
C ALA A 147 -14.07 -21.46 -16.02
N VAL A 148 -15.23 -22.08 -15.93
CA VAL A 148 -15.89 -22.33 -14.65
C VAL A 148 -16.05 -23.83 -14.50
N ARG A 149 -15.61 -24.35 -13.36
CA ARG A 149 -15.72 -25.75 -13.03
C ARG A 149 -16.80 -25.87 -11.98
N THR A 150 -17.85 -26.66 -12.26
CA THR A 150 -19.01 -26.76 -11.37
C THR A 150 -18.95 -28.10 -10.64
N ASN A 151 -18.93 -28.04 -9.33
CA ASN A 151 -18.85 -29.23 -8.48
C ASN A 151 -17.77 -30.18 -8.96
N ALA A 152 -16.54 -29.66 -9.01
CA ALA A 152 -15.38 -30.39 -9.45
C ALA A 152 -14.44 -30.64 -8.28
N PRO A 153 -13.60 -31.64 -8.36
CA PRO A 153 -12.61 -31.84 -7.28
C PRO A 153 -11.73 -30.60 -7.16
N SER A 154 -11.35 -30.31 -5.92
CA SER A 154 -10.54 -29.17 -5.60
C SER A 154 -9.80 -29.46 -4.30
N ILE A 155 -8.89 -28.55 -3.95
CA ILE A 155 -8.20 -28.65 -2.65
C ILE A 155 -9.11 -28.39 -1.47
N GLU A 156 -10.34 -27.90 -1.71
CA GLU A 156 -11.35 -27.76 -0.67
C GLU A 156 -12.46 -28.80 -0.80
N GLY A 157 -12.21 -29.89 -1.49
CA GLY A 157 -13.25 -30.85 -1.79
C GLY A 157 -14.08 -30.44 -2.99
N THR A 158 -15.15 -31.21 -3.24
CA THR A 158 -16.04 -30.87 -4.34
C THR A 158 -16.48 -29.41 -4.24
N ALA A 159 -16.25 -28.66 -5.33
CA ALA A 159 -16.54 -27.22 -5.28
C ALA A 159 -16.71 -26.66 -6.69
N THR A 160 -17.28 -25.47 -6.74
CA THR A 160 -17.44 -24.72 -7.97
C THR A 160 -16.50 -23.52 -7.91
N PHE A 161 -15.75 -23.29 -9.00
CA PHE A 161 -14.67 -22.32 -8.92
C PHE A 161 -14.22 -21.94 -10.30
N ASP A 162 -13.57 -20.78 -10.37
CA ASP A 162 -13.01 -20.33 -11.61
C ASP A 162 -11.68 -21.01 -11.90
N GLN A 163 -11.39 -21.14 -13.17
CA GLN A 163 -10.12 -21.66 -13.71
C GLN A 163 -9.52 -20.56 -14.58
N TYR A 164 -8.29 -20.18 -14.29
CA TYR A 164 -7.55 -19.26 -15.17
C TYR A 164 -6.52 -20.04 -15.98
N TRP A 165 -6.40 -19.70 -17.25
CA TRP A 165 -5.49 -20.35 -18.17
C TRP A 165 -4.63 -19.30 -18.86
N SER A 166 -3.34 -19.57 -18.91
CA SER A 166 -2.44 -18.93 -19.88
C SER A 166 -1.81 -20.08 -20.67
N ILE A 167 -2.03 -20.09 -21.99
CA ILE A 167 -1.61 -21.19 -22.83
C ILE A 167 -0.53 -20.72 -23.80
N ARG A 168 0.69 -21.24 -23.60
CA ARG A 168 1.83 -20.81 -24.43
C ARG A 168 1.63 -21.21 -25.89
N ARG A 169 1.91 -20.28 -26.80
CA ARG A 169 1.79 -20.60 -28.23
C ARG A 169 2.99 -21.39 -28.73
N ASN A 170 4.16 -21.09 -28.20
CA ASN A 170 5.42 -21.76 -28.60
C ASN A 170 5.76 -22.81 -27.53
N HIS A 171 5.25 -24.00 -27.75
CA HIS A 171 5.35 -25.04 -26.73
C HIS A 171 6.81 -25.33 -26.43
N ARG A 172 7.09 -25.66 -25.17
CA ARG A 172 8.43 -25.97 -24.74
C ARG A 172 8.38 -26.80 -23.46
N THR A 173 9.51 -27.46 -23.16
CA THR A 173 9.62 -28.30 -21.97
C THR A 173 10.76 -27.87 -21.05
N SER A 174 11.44 -26.76 -21.33
CA SER A 174 12.43 -26.23 -20.41
CA SER A 174 12.45 -26.24 -20.42
C SER A 174 12.46 -24.71 -20.56
N GLY A 175 12.79 -24.06 -19.46
CA GLY A 175 12.89 -22.63 -19.42
C GLY A 175 12.42 -22.10 -18.07
N THR A 176 12.05 -20.83 -18.07
CA THR A 176 11.67 -20.13 -16.85
C THR A 176 10.34 -19.47 -17.07
N VAL A 177 9.44 -19.65 -16.12
CA VAL A 177 8.12 -19.03 -16.13
C VAL A 177 8.08 -17.98 -15.02
N ASN A 178 7.82 -16.74 -15.42
CA ASN A 178 7.62 -15.63 -14.49
C ASN A 178 6.15 -15.62 -14.11
N THR A 179 5.83 -16.29 -13.01
CA THR A 179 4.39 -16.40 -12.68
C THR A 179 3.75 -15.05 -12.40
N GLY A 180 4.52 -14.09 -11.89
CA GLY A 180 3.98 -12.75 -11.68
C GLY A 180 3.47 -12.08 -12.95
N ASN A 181 4.14 -12.32 -14.09
CA ASN A 181 3.64 -11.77 -15.35
C ASN A 181 2.24 -12.29 -15.66
N HIS A 182 2.00 -13.59 -15.36
CA HIS A 182 0.67 -14.17 -15.62
C HIS A 182 -0.34 -13.67 -14.61
N PHE A 183 0.06 -13.59 -13.34
CA PHE A 183 -0.82 -13.02 -12.34
C PHE A 183 -1.20 -11.59 -12.73
N ASN A 184 -0.22 -10.86 -13.24
CA ASN A 184 -0.48 -9.48 -13.66
C ASN A 184 -1.49 -9.46 -14.81
N ALA A 185 -1.20 -10.19 -15.88
CA ALA A 185 -2.07 -10.19 -17.05
C ALA A 185 -3.48 -10.61 -16.67
N TRP A 186 -3.61 -11.66 -15.83
CA TRP A 186 -4.96 -12.05 -15.42
C TRP A 186 -5.66 -10.94 -14.67
N ALA A 187 -4.93 -10.23 -13.81
CA ALA A 187 -5.53 -9.13 -13.09
C ALA A 187 -5.94 -8.00 -14.04
N GLN A 188 -5.17 -7.78 -15.12
CA GLN A 188 -5.54 -6.74 -16.10
C GLN A 188 -6.88 -7.07 -16.75
N HIS A 189 -7.26 -8.36 -16.74
CA HIS A 189 -8.52 -8.78 -17.32
C HIS A 189 -9.62 -8.89 -16.30
N GLY A 190 -9.39 -8.39 -15.09
CA GLY A 190 -10.37 -8.50 -14.02
C GLY A 190 -10.39 -9.82 -13.29
N LEU A 191 -9.36 -10.68 -13.44
CA LEU A 191 -9.32 -12.00 -12.81
C LEU A 191 -8.52 -11.90 -11.52
N GLN A 192 -9.21 -12.06 -10.40
CA GLN A 192 -8.63 -11.90 -9.08
CA GLN A 192 -8.62 -11.90 -9.08
C GLN A 192 -8.10 -13.23 -8.57
N LEU A 193 -6.97 -13.19 -7.91
CA LEU A 193 -6.40 -14.36 -7.24
C LEU A 193 -6.56 -14.20 -5.73
N GLY A 194 -6.75 -15.33 -5.06
CA GLY A 194 -6.86 -15.36 -3.63
C GLY A 194 -5.53 -15.56 -2.93
N THR A 195 -5.59 -16.16 -1.74
CA THR A 195 -4.40 -16.50 -1.01
C THR A 195 -3.80 -17.80 -1.56
N HIS A 196 -2.49 -17.78 -1.81
CA HIS A 196 -1.86 -18.87 -2.52
C HIS A 196 -1.85 -20.16 -1.69
N ASN A 197 -2.28 -21.23 -2.32
CA ASN A 197 -2.07 -22.61 -1.84
C ASN A 197 -0.91 -23.16 -2.68
N TYR A 198 -0.94 -24.44 -3.04
CA TYR A 198 0.25 -25.00 -3.65
C TYR A 198 0.44 -24.54 -5.10
N GLN A 199 1.66 -24.78 -5.60
CA GLN A 199 2.11 -24.28 -6.91
C GLN A 199 3.19 -25.23 -7.40
N ILE A 200 2.90 -26.03 -8.42
CA ILE A 200 3.79 -27.07 -8.88
C ILE A 200 3.94 -27.00 -10.39
N VAL A 201 5.03 -27.61 -10.89
CA VAL A 201 5.16 -27.83 -12.31
C VAL A 201 4.58 -29.22 -12.59
N ALA A 202 3.31 -29.23 -13.02
CA ALA A 202 2.49 -30.42 -13.08
C ALA A 202 2.47 -31.02 -14.48
N THR A 203 2.57 -32.35 -14.50
CA THR A 203 2.18 -33.16 -15.65
C THR A 203 0.73 -33.58 -15.40
N GLU A 204 -0.10 -33.37 -16.38
CA GLU A 204 -1.52 -33.77 -16.28
C GLU A 204 -1.92 -34.53 -17.54
N GLY A 205 -2.69 -35.59 -17.37
CA GLY A 205 -3.20 -36.36 -18.49
C GLY A 205 -4.69 -36.57 -18.32
N TYR A 206 -5.39 -36.61 -19.46
CA TYR A 206 -6.82 -36.93 -19.45
C TYR A 206 -7.09 -37.88 -20.59
N GLN A 207 -7.45 -39.13 -20.24
CA GLN A 207 -7.76 -40.16 -21.23
C GLN A 207 -6.69 -40.23 -22.32
N SER A 208 -5.45 -40.40 -21.90
CA SER A 208 -4.34 -40.42 -22.82
C SER A 208 -3.31 -41.38 -22.28
N SER A 209 -2.18 -41.47 -23.01
CA SER A 209 -0.98 -42.15 -22.59
C SER A 209 0.20 -41.18 -22.72
N GLY A 210 1.35 -41.55 -22.17
CA GLY A 210 2.54 -40.74 -22.33
C GLY A 210 3.49 -40.86 -21.17
N SER A 211 4.44 -39.94 -21.13
CA SER A 211 5.40 -39.91 -20.05
C SER A 211 5.95 -38.49 -19.93
N SER A 212 6.54 -38.24 -18.78
CA SER A 212 7.27 -37.02 -18.55
C SER A 212 8.36 -37.30 -17.53
N SER A 213 9.38 -36.46 -17.57
CA SER A 213 10.45 -36.52 -16.57
C SER A 213 10.95 -35.09 -16.41
N ILE A 214 10.64 -34.48 -15.29
CA ILE A 214 10.71 -33.05 -15.08
C ILE A 214 11.46 -32.70 -13.81
N THR A 215 12.29 -31.65 -13.89
CA THR A 215 12.99 -31.11 -12.72
C THR A 215 12.60 -29.64 -12.54
N VAL A 216 12.36 -29.23 -11.29
CA VAL A 216 11.92 -27.89 -10.96
C VAL A 216 12.95 -27.26 -10.03
N SER A 217 13.04 -25.94 -10.12
CA SER A 217 13.82 -25.18 -9.16
C SER A 217 13.34 -23.73 -9.19
N VAL A 218 13.77 -23.01 -8.17
CA VAL A 218 13.67 -21.55 -8.15
C VAL A 218 15.06 -21.05 -7.75
N ASP A 219 15.47 -19.93 -8.32
CA ASP A 219 16.85 -19.44 -8.06
C ASP A 219 16.99 -19.18 -6.56
N SER B 29 -5.13 29.66 -5.59
CA SER B 29 -6.55 29.76 -5.85
C SER B 29 -7.16 28.34 -5.91
N VAL B 30 -8.47 28.28 -5.77
CA VAL B 30 -9.14 26.98 -5.70
C VAL B 30 -10.18 26.89 -6.82
N THR B 31 -10.40 25.66 -7.25
CA THR B 31 -11.59 25.31 -7.99
C THR B 31 -12.83 25.76 -7.23
N PRO B 32 -13.81 26.43 -7.88
CA PRO B 32 -15.05 26.77 -7.17
C PRO B 32 -15.73 25.52 -6.63
N SER B 33 -16.40 25.67 -5.50
CA SER B 33 -17.16 24.57 -4.90
C SER B 33 -18.37 24.28 -5.79
N SER B 34 -18.58 22.99 -6.12
CA SER B 34 -19.67 22.60 -7.00
C SER B 34 -20.00 21.13 -6.77
N THR B 35 -21.19 20.74 -7.19
CA THR B 35 -21.70 19.39 -7.01
C THR B 35 -22.58 18.99 -8.18
N GLY B 36 -22.87 17.69 -8.24
CA GLY B 36 -23.91 17.19 -9.11
C GLY B 36 -23.48 16.02 -9.96
N THR B 37 -24.05 15.92 -11.15
CA THR B 37 -23.89 14.75 -11.99
C THR B 37 -22.85 14.99 -13.07
N ASN B 38 -21.97 14.03 -13.24
CA ASN B 38 -20.98 14.02 -14.31
C ASN B 38 -20.89 12.59 -14.80
N ASN B 39 -21.24 12.36 -16.06
CA ASN B 39 -21.19 11.02 -16.66
C ASN B 39 -21.93 10.01 -15.81
N GLY B 40 -23.06 10.43 -15.24
CA GLY B 40 -23.91 9.57 -14.43
C GLY B 40 -23.46 9.38 -12.98
N TYR B 41 -22.28 9.85 -12.62
CA TYR B 41 -21.80 9.80 -11.25
C TYR B 41 -22.17 11.11 -10.52
N TYR B 42 -22.35 11.02 -9.22
CA TYR B 42 -22.38 12.19 -8.38
C TYR B 42 -20.93 12.62 -8.16
N TYR B 43 -20.74 13.91 -7.92
CA TYR B 43 -19.48 14.40 -7.41
C TYR B 43 -19.76 15.57 -6.47
N SER B 44 -18.86 15.77 -5.55
CA SER B 44 -18.85 17.01 -4.77
C SER B 44 -17.42 17.47 -4.65
N PHE B 45 -17.22 18.79 -4.81
CA PHE B 45 -15.94 19.42 -4.51
C PHE B 45 -16.25 20.61 -3.62
N TRP B 46 -15.65 20.63 -2.44
CA TRP B 46 -15.77 21.73 -1.51
C TRP B 46 -14.37 22.08 -1.03
N SER B 47 -14.13 23.39 -0.87
CA SER B 47 -12.93 23.81 -0.17
C SER B 47 -13.25 25.07 0.61
N ASP B 48 -12.36 25.40 1.54
CA ASP B 48 -12.47 26.63 2.30
C ASP B 48 -11.73 27.78 1.62
N GLY B 49 -11.31 27.59 0.37
CA GLY B 49 -10.65 28.64 -0.38
C GLY B 49 -9.17 28.80 -0.14
N GLY B 50 -8.57 27.96 0.70
CA GLY B 50 -7.17 28.15 1.06
C GLY B 50 -6.21 27.55 0.05
N GLY B 51 -5.15 28.30 -0.23
CA GLY B 51 -4.04 27.74 -0.98
C GLY B 51 -4.37 27.49 -2.43
N ASP B 52 -3.69 26.50 -3.00
CA ASP B 52 -3.92 26.13 -4.39
C ASP B 52 -4.51 24.72 -4.46
N VAL B 53 -5.70 24.62 -5.02
CA VAL B 53 -6.37 23.32 -5.13
C VAL B 53 -7.05 23.28 -6.49
N THR B 54 -6.68 22.32 -7.32
CA THR B 54 -7.27 22.13 -8.63
C THR B 54 -7.96 20.76 -8.65
N TYR B 55 -9.29 20.78 -8.68
CA TYR B 55 -10.12 19.60 -8.79
C TYR B 55 -10.59 19.49 -10.23
N THR B 56 -10.48 18.28 -10.81
CA THR B 56 -10.85 18.06 -12.21
C THR B 56 -11.65 16.77 -12.36
N ASN B 57 -12.90 16.89 -12.72
CA ASN B 57 -13.64 15.73 -13.18
C ASN B 57 -13.13 15.31 -14.55
N GLY B 58 -13.00 14.00 -14.75
CA GLY B 58 -12.77 13.40 -16.02
C GLY B 58 -13.95 12.58 -16.50
N ASN B 59 -13.69 11.72 -17.48
CA ASN B 59 -14.72 10.87 -18.07
C ASN B 59 -15.10 9.77 -17.07
N GLY B 60 -16.27 9.16 -17.31
CA GLY B 60 -16.72 8.05 -16.50
C GLY B 60 -16.67 8.39 -15.03
N GLY B 61 -16.16 7.47 -14.23
CA GLY B 61 -16.09 7.69 -12.80
C GLY B 61 -14.79 8.31 -12.30
N SER B 62 -14.07 9.02 -13.17
CA SER B 62 -12.74 9.53 -12.86
CA SER B 62 -12.73 9.53 -12.85
C SER B 62 -12.74 10.98 -12.39
N TYR B 63 -11.81 11.28 -11.50
CA TYR B 63 -11.49 12.65 -11.09
C TYR B 63 -10.05 12.69 -10.65
N SER B 64 -9.50 13.92 -10.61
CA SER B 64 -8.19 14.15 -10.03
C SER B 64 -8.19 15.40 -9.18
N VAL B 65 -7.21 15.48 -8.26
CA VAL B 65 -6.99 16.67 -7.46
C VAL B 65 -5.49 16.88 -7.37
N GLU B 66 -5.08 18.13 -7.47
CA GLU B 66 -3.72 18.56 -7.23
CA GLU B 66 -3.72 18.55 -7.23
C GLU B 66 -3.78 19.74 -6.29
N TRP B 67 -3.00 19.70 -5.21
CA TRP B 67 -3.07 20.81 -4.26
C TRP B 67 -1.72 21.14 -3.67
N THR B 68 -1.55 22.42 -3.34
CA THR B 68 -0.37 22.92 -2.68
C THR B 68 -0.79 23.85 -1.54
N ASN B 69 -0.33 23.55 -0.34
CA ASN B 69 -0.63 24.31 0.87
C ASN B 69 -2.10 24.69 0.94
N CYS B 70 -2.94 23.66 0.90
CA CYS B 70 -4.36 23.86 1.03
C CYS B 70 -4.77 24.22 2.45
N GLY B 71 -5.97 24.75 2.57
CA GLY B 71 -6.60 24.85 3.87
C GLY B 71 -7.28 23.53 4.17
N ASN B 72 -8.50 23.40 3.66
CA ASN B 72 -9.27 22.15 3.80
C ASN B 72 -10.07 21.98 2.54
N PHE B 73 -10.00 20.80 1.93
CA PHE B 73 -10.89 20.50 0.80
C PHE B 73 -11.35 19.06 0.88
N VAL B 74 -12.49 18.75 0.26
CA VAL B 74 -13.02 17.40 0.09
C VAL B 74 -13.58 17.29 -1.31
N GLY B 75 -13.12 16.31 -2.06
CA GLY B 75 -13.64 16.18 -3.42
C GLY B 75 -13.59 14.76 -3.91
N GLY B 76 -14.56 14.42 -4.76
CA GLY B 76 -14.52 13.15 -5.43
C GLY B 76 -15.87 12.75 -6.02
N LYS B 77 -15.84 11.62 -6.69
CA LYS B 77 -16.97 11.06 -7.41
C LYS B 77 -17.58 9.88 -6.66
N GLY B 78 -18.87 9.69 -6.89
CA GLY B 78 -19.59 8.60 -6.27
C GLY B 78 -21.06 8.69 -6.58
N TRP B 79 -21.88 8.76 -5.53
CA TRP B 79 -23.31 8.50 -5.67
C TRP B 79 -24.09 9.42 -4.75
N ASN B 80 -25.35 9.59 -5.06
CA ASN B 80 -26.26 10.38 -4.25
C ASN B 80 -27.68 9.83 -4.49
N PRO B 81 -28.32 9.23 -3.47
CA PRO B 81 -27.83 9.00 -2.11
C PRO B 81 -26.88 7.82 -1.96
N GLY B 82 -26.08 7.88 -0.90
CA GLY B 82 -25.38 6.72 -0.45
C GLY B 82 -26.31 5.58 -0.14
N ALA B 83 -25.72 4.42 -0.07
CA ALA B 83 -26.45 3.20 0.26
C ALA B 83 -25.46 2.17 0.77
N ALA B 84 -25.99 1.03 1.20
CA ALA B 84 -25.17 -0.14 1.41
C ALA B 84 -24.89 -0.75 0.03
N ARG B 85 -23.65 -0.64 -0.42
CA ARG B 85 -23.28 -1.04 -1.77
C ARG B 85 -21.80 -1.38 -1.80
N GLU B 86 -21.42 -2.07 -2.85
CA GLU B 86 -20.03 -2.40 -3.10
C GLU B 86 -19.45 -1.34 -4.02
N ILE B 87 -18.42 -0.66 -3.56
CA ILE B 87 -17.83 0.48 -4.26
C ILE B 87 -16.40 0.08 -4.67
N ASN B 88 -16.10 0.18 -5.96
CA ASN B 88 -14.77 -0.06 -6.48
C ASN B 88 -14.06 1.26 -6.70
N PHE B 89 -12.78 1.29 -6.41
CA PHE B 89 -11.97 2.48 -6.68
C PHE B 89 -10.59 2.05 -7.13
N SER B 90 -10.02 2.83 -8.05
CA SER B 90 -8.68 2.58 -8.57
C SER B 90 -7.97 3.89 -8.82
N GLY B 91 -6.67 3.91 -8.61
CA GLY B 91 -5.88 5.08 -8.96
C GLY B 91 -4.73 5.29 -8.01
N SER B 92 -4.31 6.53 -7.94
CA SER B 92 -3.16 6.94 -7.18
C SER B 92 -3.57 8.00 -6.16
N PHE B 93 -2.82 8.07 -5.07
CA PHE B 93 -3.13 8.93 -3.95
C PHE B 93 -1.79 9.22 -3.26
N ASN B 94 -1.33 10.47 -3.36
CA ASN B 94 0.01 10.84 -2.89
CA ASN B 94 0.01 10.84 -2.89
C ASN B 94 -0.06 12.13 -2.09
N PRO B 95 -0.56 12.07 -0.87
CA PRO B 95 -0.52 13.26 -0.01
C PRO B 95 0.90 13.53 0.47
N SER B 96 1.24 14.81 0.59
CA SER B 96 2.40 15.25 1.38
C SER B 96 1.84 15.98 2.60
N GLY B 97 1.78 15.28 3.74
CA GLY B 97 1.11 15.88 4.89
C GLY B 97 -0.21 15.18 5.14
N ASN B 98 -1.17 15.92 5.70
CA ASN B 98 -2.46 15.31 6.05
C ASN B 98 -3.36 15.24 4.82
N GLY B 99 -3.65 14.03 4.38
CA GLY B 99 -4.73 13.77 3.45
C GLY B 99 -5.33 12.40 3.65
N TYR B 100 -6.58 12.25 3.23
CA TYR B 100 -7.29 10.98 3.32
C TYR B 100 -7.83 10.58 1.96
N LEU B 101 -7.88 9.26 1.75
CA LEU B 101 -8.54 8.63 0.60
C LEU B 101 -9.56 7.69 1.24
N SER B 102 -10.84 7.97 1.13
CA SER B 102 -11.85 7.21 1.89
C SER B 102 -13.19 7.09 1.17
N VAL B 103 -13.97 6.09 1.50
CA VAL B 103 -15.40 6.08 1.09
C VAL B 103 -15.95 7.05 2.13
N TYR B 104 -16.66 8.06 1.72
CA TYR B 104 -16.95 9.22 2.55
C TYR B 104 -18.36 9.68 2.26
N GLY B 105 -19.07 10.11 3.31
CA GLY B 105 -20.39 10.66 3.01
C GLY B 105 -21.07 11.18 4.24
N TRP B 106 -22.33 11.52 4.07
CA TRP B 106 -23.11 12.22 5.09
C TRP B 106 -24.48 11.56 5.22
N THR B 107 -24.99 11.59 6.43
CA THR B 107 -26.41 11.39 6.68
C THR B 107 -26.92 12.62 7.39
N THR B 108 -28.25 12.75 7.40
CA THR B 108 -28.95 13.80 8.11
C THR B 108 -29.96 13.16 9.05
N ASN B 109 -30.22 13.84 10.16
CA ASN B 109 -31.20 13.38 11.15
C ASN B 109 -30.97 11.92 11.56
N PRO B 110 -29.85 11.61 12.21
CA PRO B 110 -28.85 12.59 12.64
C PRO B 110 -27.83 13.00 11.57
N LEU B 111 -27.32 14.21 11.72
CA LEU B 111 -26.21 14.68 10.91
C LEU B 111 -24.94 13.91 11.29
N VAL B 112 -24.40 13.15 10.35
CA VAL B 112 -23.19 12.36 10.56
C VAL B 112 -22.28 12.49 9.35
N GLU B 113 -20.97 12.68 9.60
CA GLU B 113 -19.93 12.60 8.59
C GLU B 113 -19.20 11.29 8.79
N TYR B 114 -19.24 10.40 7.81
CA TYR B 114 -18.63 9.07 8.00
C TYR B 114 -17.50 8.83 6.99
N TYR B 115 -16.53 8.01 7.46
CA TYR B 115 -15.32 7.72 6.73
C TYR B 115 -15.00 6.22 6.77
N ILE B 116 -14.68 5.66 5.63
CA ILE B 116 -14.09 4.34 5.51
C ILE B 116 -12.73 4.60 4.85
N VAL B 117 -11.73 4.79 5.67
CA VAL B 117 -10.44 5.30 5.23
C VAL B 117 -9.58 4.17 4.70
N GLU B 118 -9.22 4.29 3.43
CA GLU B 118 -8.43 3.27 2.73
C GLU B 118 -6.95 3.57 2.74
N SER B 119 -6.60 4.85 2.78
CA SER B 119 -5.23 5.29 2.93
C SER B 119 -5.21 6.69 3.51
N TYR B 120 -4.12 7.04 4.19
CA TYR B 120 -3.96 8.40 4.69
C TYR B 120 -2.49 8.76 4.62
N GLY B 121 -2.20 10.04 4.91
CA GLY B 121 -0.88 10.61 4.85
C GLY B 121 -0.13 10.50 6.18
N ASP B 122 0.35 11.62 6.70
CA ASP B 122 1.17 11.60 7.90
C ASP B 122 0.36 11.74 9.18
N TYR B 123 -0.97 11.64 9.10
CA TYR B 123 -1.83 11.86 10.24
C TYR B 123 -2.92 10.78 10.24
N ASN B 124 -2.90 9.94 11.25
CA ASN B 124 -3.97 8.94 11.39
C ASN B 124 -5.16 9.63 12.06
N PRO B 125 -6.27 9.81 11.36
CA PRO B 125 -7.39 10.55 11.94
C PRO B 125 -8.06 9.83 13.10
N GLY B 126 -7.85 8.51 13.26
CA GLY B 126 -8.30 7.83 14.48
C GLY B 126 -7.63 8.31 15.76
N THR B 127 -6.49 8.98 15.64
CA THR B 127 -5.86 9.57 16.82
C THR B 127 -6.81 10.49 17.58
N ALA B 128 -7.79 11.05 16.88
CA ALA B 128 -8.68 12.08 17.42
C ALA B 128 -9.99 11.53 17.98
N GLY B 129 -10.26 10.25 17.82
CA GLY B 129 -11.56 9.70 18.16
C GLY B 129 -11.43 8.69 19.28
N THR B 130 -12.59 8.20 19.72
CA THR B 130 -12.66 7.15 20.75
C THR B 130 -12.68 5.80 20.06
N PHE B 131 -11.69 4.95 20.37
CA PHE B 131 -11.63 3.61 19.80
C PHE B 131 -12.77 2.74 20.35
N LEU B 132 -13.53 2.12 19.44
CA LEU B 132 -14.68 1.31 19.86
C LEU B 132 -14.57 -0.18 19.56
N GLY B 133 -13.62 -0.58 18.74
CA GLY B 133 -13.46 -1.95 18.30
C GLY B 133 -13.10 -2.04 16.82
N THR B 134 -13.44 -3.16 16.18
CA THR B 134 -12.94 -3.48 14.88
C THR B 134 -14.04 -4.08 13.99
N VAL B 135 -13.75 -4.05 12.69
CA VAL B 135 -14.53 -4.81 11.72
C VAL B 135 -13.59 -5.35 10.67
N ASP B 136 -13.89 -6.52 10.18
CA ASP B 136 -13.15 -7.13 9.09
C ASP B 136 -13.95 -6.96 7.80
N SER B 137 -13.30 -6.38 6.78
CA SER B 137 -14.00 -6.19 5.51
C SER B 137 -12.99 -6.07 4.40
N ASP B 138 -13.31 -6.70 3.26
CA ASP B 138 -12.57 -6.50 2.01
C ASP B 138 -11.08 -6.69 2.22
N GLY B 139 -10.71 -7.77 2.94
CA GLY B 139 -9.33 -8.17 3.01
C GLY B 139 -8.51 -7.52 4.11
N SER B 140 -9.11 -6.71 4.97
CA SER B 140 -8.37 -6.13 6.08
C SER B 140 -9.27 -5.93 7.29
N THR B 141 -8.63 -5.87 8.45
CA THR B 141 -9.28 -5.39 9.67
C THR B 141 -9.24 -3.86 9.65
N TYR B 142 -10.35 -3.25 10.10
CA TYR B 142 -10.47 -1.82 10.27
C TYR B 142 -10.66 -1.49 11.74
N ASP B 143 -10.01 -0.43 12.19
CA ASP B 143 -10.26 0.10 13.52
C ASP B 143 -11.36 1.17 13.44
N ILE B 144 -12.29 1.10 14.40
CA ILE B 144 -13.49 1.91 14.44
C ILE B 144 -13.38 2.93 15.57
N TYR B 145 -13.66 4.17 15.23
CA TYR B 145 -13.61 5.27 16.15
C TYR B 145 -14.89 6.11 15.98
N LYS B 146 -15.31 6.73 17.08
CA LYS B 146 -16.32 7.77 17.06
C LYS B 146 -15.68 9.08 17.51
N ALA B 147 -15.91 10.15 16.76
CA ALA B 147 -15.42 11.48 17.13
C ALA B 147 -16.58 12.46 17.07
N VAL B 148 -16.37 13.63 17.66
CA VAL B 148 -17.34 14.72 17.58
C VAL B 148 -16.65 15.93 16.99
N ARG B 149 -17.29 16.52 15.98
CA ARG B 149 -16.83 17.77 15.41
C ARG B 149 -17.73 18.89 15.88
N THR B 150 -17.11 20.03 16.24
CA THR B 150 -17.84 21.25 16.56
C THR B 150 -17.36 22.41 15.69
N ASN B 151 -18.24 23.35 15.41
CA ASN B 151 -17.86 24.54 14.63
C ASN B 151 -17.19 24.15 13.31
N ALA B 152 -17.76 23.15 12.64
CA ALA B 152 -17.13 22.46 11.56
C ALA B 152 -17.95 22.58 10.27
N PRO B 153 -17.29 22.69 9.12
CA PRO B 153 -18.04 22.75 7.86
C PRO B 153 -18.75 21.43 7.58
N SER B 154 -20.01 21.54 7.20
CA SER B 154 -20.83 20.39 6.91
C SER B 154 -21.73 20.67 5.71
N ILE B 155 -22.47 19.63 5.30
CA ILE B 155 -23.43 19.81 4.24
C ILE B 155 -24.56 20.74 4.66
N GLU B 156 -24.71 21.03 5.94
CA GLU B 156 -25.77 21.90 6.43
C GLU B 156 -25.20 23.16 7.06
N GLY B 157 -24.02 23.57 6.61
CA GLY B 157 -23.35 24.75 7.12
C GLY B 157 -22.49 24.43 8.34
N THR B 158 -22.01 25.48 8.99
CA THR B 158 -21.23 25.29 10.21
C THR B 158 -22.04 24.56 11.27
N ALA B 159 -21.51 23.46 11.80
CA ALA B 159 -22.34 22.54 12.56
C ALA B 159 -21.49 21.76 13.55
N THR B 160 -22.18 21.12 14.48
CA THR B 160 -21.62 20.12 15.38
C THR B 160 -22.26 18.79 15.01
N PHE B 161 -21.47 17.75 14.93
CA PHE B 161 -21.99 16.47 14.47
C PHE B 161 -21.02 15.37 14.85
N ASP B 162 -21.54 14.16 14.89
CA ASP B 162 -20.73 12.98 15.10
C ASP B 162 -20.02 12.55 13.80
N GLN B 163 -18.83 11.97 13.94
CA GLN B 163 -18.08 11.34 12.86
C GLN B 163 -17.90 9.87 13.20
N TYR B 164 -18.16 9.00 12.24
CA TYR B 164 -17.94 7.58 12.36
C TYR B 164 -16.78 7.21 11.46
N TRP B 165 -15.75 6.59 12.04
CA TRP B 165 -14.53 6.24 11.31
C TRP B 165 -14.31 4.75 11.26
N SER B 166 -14.04 4.24 10.07
CA SER B 166 -13.44 2.91 9.92
C SER B 166 -12.08 3.17 9.24
N ILE B 167 -10.98 2.79 9.88
CA ILE B 167 -9.63 3.05 9.37
C ILE B 167 -8.98 1.71 8.97
N ARG B 168 -8.70 1.55 7.69
CA ARG B 168 -8.10 0.31 7.21
C ARG B 168 -6.69 0.17 7.77
N ARG B 169 -6.37 -1.02 8.31
CA ARG B 169 -5.03 -1.24 8.80
C ARG B 169 -4.04 -1.46 7.68
N ASN B 170 -4.45 -2.11 6.62
CA ASN B 170 -3.60 -2.38 5.45
C ASN B 170 -3.99 -1.39 4.36
N HIS B 171 -3.21 -0.33 4.21
CA HIS B 171 -3.59 0.78 3.33
C HIS B 171 -3.43 0.40 1.87
N ARG B 172 -4.26 1.03 1.03
CA ARG B 172 -4.29 0.77 -0.40
C ARG B 172 -4.95 1.94 -1.09
N THR B 173 -4.71 2.02 -2.40
CA THR B 173 -5.32 3.05 -3.25
C THR B 173 -6.15 2.44 -4.37
N SER B 174 -6.44 1.14 -4.30
CA SER B 174 -7.36 0.48 -5.22
C SER B 174 -7.98 -0.69 -4.48
N GLY B 175 -9.23 -0.96 -4.79
CA GLY B 175 -9.94 -2.05 -4.15
C GLY B 175 -11.45 -1.86 -4.21
N THR B 176 -12.13 -2.66 -3.41
CA THR B 176 -13.58 -2.67 -3.30
C THR B 176 -13.92 -2.52 -1.83
N VAL B 177 -14.92 -1.71 -1.54
CA VAL B 177 -15.36 -1.44 -0.18
C VAL B 177 -16.85 -1.78 -0.11
N ASN B 178 -17.20 -2.66 0.83
CA ASN B 178 -18.59 -3.02 1.09
C ASN B 178 -19.10 -2.09 2.17
N THR B 179 -19.81 -1.04 1.77
CA THR B 179 -20.19 -0.05 2.76
C THR B 179 -21.17 -0.61 3.78
N GLY B 180 -22.00 -1.57 3.38
CA GLY B 180 -22.93 -2.17 4.33
C GLY B 180 -22.24 -2.82 5.50
N ASN B 181 -21.09 -3.43 5.26
CA ASN B 181 -20.31 -4.04 6.34
C ASN B 181 -19.96 -2.99 7.37
N HIS B 182 -19.56 -1.80 6.93
CA HIS B 182 -19.16 -0.75 7.87
C HIS B 182 -20.38 -0.19 8.59
N PHE B 183 -21.42 0.18 7.82
CA PHE B 183 -22.66 0.63 8.43
C PHE B 183 -23.12 -0.34 9.54
N ASN B 184 -23.09 -1.64 9.24
CA ASN B 184 -23.49 -2.65 10.23
C ASN B 184 -22.58 -2.61 11.45
N ALA B 185 -21.28 -2.71 11.23
CA ALA B 185 -20.35 -2.70 12.38
C ALA B 185 -20.55 -1.46 13.23
N TRP B 186 -20.70 -0.27 12.58
CA TRP B 186 -20.97 0.93 13.36
C TRP B 186 -22.23 0.72 14.20
N ALA B 187 -23.27 0.21 13.59
CA ALA B 187 -24.55 0.07 14.30
C ALA B 187 -24.37 -0.87 15.51
N GLN B 188 -23.58 -1.90 15.32
CA GLN B 188 -23.30 -2.84 16.45
C GLN B 188 -22.66 -2.17 17.66
N HIS B 189 -22.00 -1.03 17.43
CA HIS B 189 -21.35 -0.25 18.45
C HIS B 189 -22.22 0.88 18.92
N GLY B 190 -23.49 0.88 18.52
CA GLY B 190 -24.43 1.93 18.91
C GLY B 190 -24.35 3.20 18.09
N LEU B 191 -23.63 3.18 16.96
CA LEU B 191 -23.48 4.33 16.10
C LEU B 191 -24.54 4.25 15.01
N GLN B 192 -25.53 5.12 15.09
CA GLN B 192 -26.69 5.10 14.21
C GLN B 192 -26.53 6.10 13.08
N LEU B 193 -26.87 5.65 11.88
CA LEU B 193 -26.86 6.51 10.71
C LEU B 193 -28.23 7.12 10.46
N GLY B 194 -28.22 8.31 9.88
CA GLY B 194 -29.43 8.97 9.45
C GLY B 194 -29.83 8.62 8.03
N THR B 195 -30.62 9.51 7.44
CA THR B 195 -31.00 9.43 6.05
C THR B 195 -29.80 9.81 5.18
N HIS B 196 -29.47 8.93 4.27
CA HIS B 196 -28.25 9.09 3.47
C HIS B 196 -28.35 10.30 2.56
N ASN B 197 -27.30 11.13 2.62
CA ASN B 197 -26.99 12.13 1.62
C ASN B 197 -25.95 11.54 0.67
N TYR B 198 -24.97 12.31 0.22
CA TYR B 198 -24.06 11.76 -0.78
C TYR B 198 -23.01 10.80 -0.19
N GLN B 199 -22.35 10.09 -1.11
CA GLN B 199 -21.40 9.02 -0.78
C GLN B 199 -20.38 8.95 -1.91
N ILE B 200 -19.13 9.32 -1.62
CA ILE B 200 -18.11 9.45 -2.65
C ILE B 200 -16.82 8.79 -2.19
N VAL B 201 -15.96 8.48 -3.15
CA VAL B 201 -14.60 8.08 -2.85
C VAL B 201 -13.80 9.39 -2.87
N ALA B 202 -13.60 9.94 -1.69
CA ALA B 202 -13.11 11.28 -1.50
C ALA B 202 -11.61 11.34 -1.27
N THR B 203 -11.01 12.34 -1.88
CA THR B 203 -9.69 12.86 -1.53
C THR B 203 -9.93 14.08 -0.64
N GLU B 204 -9.37 14.08 0.56
CA GLU B 204 -9.50 15.16 1.51
C GLU B 204 -8.09 15.60 1.90
N GLY B 205 -7.86 16.89 1.91
CA GLY B 205 -6.61 17.45 2.37
C GLY B 205 -6.82 18.47 3.47
N TYR B 206 -5.84 18.55 4.35
CA TYR B 206 -5.87 19.49 5.47
C TYR B 206 -4.46 20.07 5.68
N GLN B 207 -4.28 21.35 5.39
CA GLN B 207 -3.02 22.04 5.60
C GLN B 207 -1.86 21.26 5.02
N SER B 208 -2.00 20.85 3.76
CA SER B 208 -1.10 19.92 3.15
C SER B 208 -0.98 20.24 1.65
N SER B 209 -0.18 19.41 0.97
CA SER B 209 -0.07 19.33 -0.45
C SER B 209 -0.28 17.89 -0.90
N GLY B 210 -0.47 17.70 -2.19
CA GLY B 210 -0.52 16.35 -2.72
C GLY B 210 -1.18 16.29 -4.08
N SER B 211 -1.39 15.07 -4.52
CA SER B 211 -2.17 14.80 -5.73
C SER B 211 -2.89 13.45 -5.58
N SER B 212 -3.94 13.28 -6.36
CA SER B 212 -4.67 12.05 -6.44
C SER B 212 -5.35 11.96 -7.80
N SER B 213 -5.56 10.72 -8.26
CA SER B 213 -6.28 10.47 -9.50
C SER B 213 -7.00 9.15 -9.32
N ILE B 214 -8.32 9.20 -9.26
CA ILE B 214 -9.15 8.08 -8.79
C ILE B 214 -10.27 7.86 -9.78
N THR B 215 -10.58 6.59 -10.07
CA THR B 215 -11.76 6.21 -10.81
C THR B 215 -12.62 5.29 -9.93
N VAL B 216 -13.91 5.58 -9.86
CA VAL B 216 -14.85 4.85 -9.00
C VAL B 216 -15.80 4.07 -9.90
N SER B 217 -16.42 3.05 -9.33
CA SER B 217 -17.47 2.31 -10.02
C SER B 217 -18.24 1.48 -9.00
N VAL B 218 -19.40 1.01 -9.40
CA VAL B 218 -20.16 0.07 -8.57
C VAL B 218 -19.82 -1.35 -9.00
N ASP B 219 -19.95 -2.30 -8.06
CA ASP B 219 -19.56 -3.70 -8.30
C ASP B 219 -20.66 -4.50 -9.01
N SER C 29 -13.89 15.30 38.41
CA SER C 29 -12.54 15.41 38.96
C SER C 29 -11.54 15.72 37.84
N VAL C 30 -10.39 16.30 38.21
CA VAL C 30 -9.43 16.75 37.21
C VAL C 30 -8.08 16.11 37.44
N THR C 31 -7.37 15.91 36.34
CA THR C 31 -5.96 15.60 36.36
C THR C 31 -5.22 16.58 37.26
N PRO C 32 -4.27 16.13 38.09
CA PRO C 32 -3.50 17.09 38.89
C PRO C 32 -2.63 17.99 38.01
N SER C 33 -2.48 19.22 38.45
CA SER C 33 -1.61 20.17 37.73
C SER C 33 -0.19 19.69 37.81
N SER C 34 0.50 19.66 36.68
CA SER C 34 1.88 19.22 36.63
C SER C 34 2.58 19.83 35.41
N THR C 35 3.91 19.81 35.45
CA THR C 35 4.72 20.45 34.40
C THR C 35 5.97 19.62 34.22
N GLY C 36 6.65 19.84 33.09
CA GLY C 36 8.00 19.39 32.92
C GLY C 36 8.25 18.68 31.62
N THR C 37 9.16 17.72 31.60
CA THR C 37 9.62 17.11 30.37
C THR C 37 8.91 15.78 30.11
N ASN C 38 8.47 15.59 28.87
CA ASN C 38 7.94 14.31 28.40
C ASN C 38 8.37 14.13 26.98
N ASN C 39 9.18 13.10 26.74
CA ASN C 39 9.64 12.76 25.38
C ASN C 39 10.35 13.93 24.71
N GLY C 40 11.11 14.66 25.51
CA GLY C 40 11.90 15.78 25.01
C GLY C 40 11.15 17.07 24.87
N TYR C 41 9.84 17.08 25.09
CA TYR C 41 9.03 18.28 25.04
C TYR C 41 8.78 18.80 26.43
N TYR C 42 8.57 20.10 26.54
CA TYR C 42 8.00 20.64 27.76
C TYR C 42 6.50 20.47 27.67
N TYR C 43 5.86 20.26 28.84
CA TYR C 43 4.40 20.31 28.91
C TYR C 43 3.99 21.02 30.19
N SER C 44 2.78 21.55 30.19
CA SER C 44 2.18 22.04 31.39
C SER C 44 0.72 21.69 31.34
N PHE C 45 0.19 21.26 32.45
CA PHE C 45 -1.25 21.15 32.61
C PHE C 45 -1.63 21.84 33.91
N TRP C 46 -2.62 22.72 33.85
CA TRP C 46 -3.09 23.43 35.01
C TRP C 46 -4.61 23.51 34.93
N SER C 47 -5.25 23.50 36.08
CA SER C 47 -6.68 23.72 36.14
C SER C 47 -7.04 24.29 37.49
N ASP C 48 -8.22 24.89 37.57
CA ASP C 48 -8.76 25.39 38.83
C ASP C 48 -9.51 24.31 39.59
N GLY C 49 -9.51 23.08 39.12
CA GLY C 49 -10.16 21.98 39.81
C GLY C 49 -11.62 21.76 39.46
N GLY C 50 -12.18 22.59 38.59
CA GLY C 50 -13.61 22.52 38.32
C GLY C 50 -13.95 21.43 37.32
N GLY C 51 -15.09 20.78 37.57
CA GLY C 51 -15.64 19.88 36.58
C GLY C 51 -14.81 18.61 36.42
N ASP C 52 -14.96 18.00 35.24
CA ASP C 52 -14.18 16.86 34.82
C ASP C 52 -13.22 17.31 33.72
N VAL C 53 -11.92 17.12 33.94
CA VAL C 53 -10.89 17.40 32.95
C VAL C 53 -9.88 16.27 33.03
N THR C 54 -9.63 15.61 31.90
CA THR C 54 -8.64 14.55 31.80
C THR C 54 -7.61 14.95 30.76
N TYR C 55 -6.40 15.26 31.24
CA TYR C 55 -5.25 15.58 30.42
C TYR C 55 -4.36 14.36 30.33
N THR C 56 -3.93 14.01 29.11
CA THR C 56 -3.08 12.82 28.93
C THR C 56 -1.94 13.10 27.97
N ASN C 57 -0.72 13.00 28.47
CA ASN C 57 0.43 13.03 27.58
C ASN C 57 0.54 11.70 26.83
N GLY C 58 0.92 11.77 25.57
CA GLY C 58 1.17 10.60 24.76
C GLY C 58 2.55 10.58 24.17
N ASN C 59 2.79 9.69 23.21
CA ASN C 59 4.12 9.56 22.64
C ASN C 59 4.53 10.84 21.94
N GLY C 60 5.85 11.04 21.87
CA GLY C 60 6.38 12.19 21.16
C GLY C 60 5.84 13.51 21.66
N GLY C 61 5.41 14.33 20.71
CA GLY C 61 4.85 15.63 21.04
C GLY C 61 3.35 15.61 21.26
N SER C 62 2.78 14.43 21.53
CA SER C 62 1.33 14.32 21.55
C SER C 62 0.76 14.48 22.95
N TYR C 63 -0.47 15.03 23.01
CA TYR C 63 -1.28 15.03 24.22
C TYR C 63 -2.75 15.07 23.80
N SER C 64 -3.62 14.77 24.74
CA SER C 64 -5.05 14.91 24.52
C SER C 64 -5.71 15.44 25.78
N VAL C 65 -6.90 15.97 25.62
CA VAL C 65 -7.70 16.48 26.73
C VAL C 65 -9.14 16.14 26.41
N GLU C 66 -9.86 15.70 27.43
CA GLU C 66 -11.30 15.49 27.35
C GLU C 66 -11.88 16.20 28.56
N TRP C 67 -12.96 16.96 28.37
CA TRP C 67 -13.48 17.72 29.50
C TRP C 67 -14.99 17.89 29.39
N THR C 68 -15.60 18.03 30.57
CA THR C 68 -17.05 18.20 30.69
C THR C 68 -17.31 19.20 31.80
N ASN C 69 -17.97 20.31 31.47
CA ASN C 69 -18.30 21.34 32.44
C ASN C 69 -17.10 21.78 33.24
N CYS C 70 -15.98 22.04 32.53
CA CYS C 70 -14.78 22.48 33.24
C CYS C 70 -15.01 23.84 33.92
N GLY C 71 -14.08 24.19 34.80
CA GLY C 71 -13.97 25.56 35.26
C GLY C 71 -13.07 26.33 34.30
N ASN C 72 -11.77 26.24 34.51
CA ASN C 72 -10.77 26.79 33.61
C ASN C 72 -9.57 25.87 33.69
N PHE C 73 -9.03 25.50 32.54
CA PHE C 73 -7.85 24.68 32.47
C PHE C 73 -7.04 25.10 31.26
N VAL C 74 -5.73 24.86 31.34
CA VAL C 74 -4.78 25.10 30.25
C VAL C 74 -3.80 23.94 30.21
N GLY C 75 -3.67 23.30 29.06
CA GLY C 75 -2.70 22.23 28.91
C GLY C 75 -2.19 22.01 27.52
N GLY C 76 -0.92 21.63 27.44
CA GLY C 76 -0.35 21.23 26.17
C GLY C 76 1.15 21.05 26.24
N LYS C 77 1.70 20.76 25.09
CA LYS C 77 3.12 20.54 24.91
C LYS C 77 3.75 21.65 24.07
N GLY C 78 5.03 21.82 24.30
CA GLY C 78 5.85 22.77 23.55
C GLY C 78 7.27 22.78 24.10
N TRP C 79 7.70 23.98 24.53
CA TRP C 79 9.10 24.21 24.86
C TRP C 79 9.19 25.12 26.06
N ASN C 80 10.34 25.00 26.77
CA ASN C 80 10.63 25.94 27.83
C ASN C 80 12.14 26.16 27.81
N PRO C 81 12.61 27.35 27.40
CA PRO C 81 11.89 28.59 27.09
C PRO C 81 11.34 28.65 25.66
N GLY C 82 10.35 29.49 25.52
CA GLY C 82 9.82 29.85 24.23
C GLY C 82 10.83 30.68 23.43
N ALA C 83 10.49 30.91 22.18
CA ALA C 83 11.41 31.55 21.26
C ALA C 83 10.60 31.98 20.06
N ALA C 84 11.23 32.83 19.23
CA ALA C 84 10.72 33.05 17.88
C ALA C 84 11.07 31.82 17.06
N ARG C 85 10.11 30.92 16.89
CA ARG C 85 10.34 29.65 16.22
C ARG C 85 9.09 29.30 15.43
N GLU C 86 9.25 28.47 14.42
CA GLU C 86 8.09 27.93 13.72
C GLU C 86 7.69 26.61 14.37
N ILE C 87 6.43 26.56 14.79
CA ILE C 87 5.89 25.45 15.54
C ILE C 87 4.90 24.74 14.65
N ASN C 88 5.06 23.43 14.51
CA ASN C 88 4.11 22.63 13.76
C ASN C 88 3.21 21.90 14.73
N PHE C 89 1.92 21.88 14.43
CA PHE C 89 0.92 21.21 15.26
C PHE C 89 -0.01 20.46 14.30
N SER C 90 -0.46 19.29 14.75
CA SER C 90 -1.37 18.46 13.97
C SER C 90 -2.37 17.83 14.92
N GLY C 91 -3.64 17.92 14.58
CA GLY C 91 -4.60 17.10 15.32
C GLY C 91 -6.02 17.65 15.23
N SER C 92 -6.74 17.49 16.33
CA SER C 92 -8.17 17.80 16.39
C SER C 92 -8.45 18.64 17.62
N PHE C 93 -9.52 19.42 17.55
CA PHE C 93 -9.90 20.33 18.63
C PHE C 93 -11.36 20.67 18.41
N ASN C 94 -12.21 20.29 19.37
CA ASN C 94 -13.66 20.39 19.20
C ASN C 94 -14.28 20.78 20.52
N PRO C 95 -14.23 22.05 20.86
CA PRO C 95 -14.93 22.51 22.06
C PRO C 95 -16.42 22.71 21.83
N SER C 96 -17.18 22.44 22.87
CA SER C 96 -18.60 22.75 22.95
CA SER C 96 -18.60 22.75 22.94
C SER C 96 -18.73 23.91 23.94
N GLY C 97 -18.76 25.14 23.40
CA GLY C 97 -18.70 26.31 24.24
C GLY C 97 -17.33 26.97 24.16
N ASN C 98 -16.91 27.63 25.23
CA ASN C 98 -15.70 28.43 25.22
C ASN C 98 -14.45 27.57 25.37
N GLY C 99 -13.63 27.54 24.34
CA GLY C 99 -12.34 26.87 24.38
C GLY C 99 -11.46 27.45 23.30
N TYR C 100 -10.15 27.36 23.51
CA TYR C 100 -9.16 27.89 22.58
C TYR C 100 -8.09 26.86 22.30
N LEU C 101 -7.59 26.84 21.08
CA LEU C 101 -6.35 26.17 20.71
C LEU C 101 -5.36 27.23 20.22
N SER C 102 -4.25 27.35 20.92
CA SER C 102 -3.33 28.47 20.70
C SER C 102 -1.88 28.06 20.89
N VAL C 103 -0.96 28.75 20.23
CA VAL C 103 0.38 28.89 20.79
C VAL C 103 0.30 29.88 21.94
N TYR C 104 0.67 29.43 23.12
CA TYR C 104 0.39 30.12 24.38
C TYR C 104 1.67 30.12 25.18
N GLY C 105 1.94 31.25 25.82
CA GLY C 105 3.21 31.33 26.54
C GLY C 105 3.25 32.57 27.41
N TRP C 106 4.36 32.68 28.12
CA TRP C 106 4.60 33.84 28.98
C TRP C 106 6.02 34.38 28.76
N THR C 107 6.18 35.67 29.02
CA THR C 107 7.48 36.27 29.25
C THR C 107 7.50 36.86 30.67
N THR C 108 8.70 37.16 31.14
CA THR C 108 8.86 37.94 32.36
C THR C 108 9.76 39.15 32.07
N ASN C 109 9.54 40.21 32.84
CA ASN C 109 10.33 41.43 32.80
C ASN C 109 10.40 42.00 31.38
N PRO C 110 9.28 42.42 30.82
CA PRO C 110 7.98 42.48 31.46
C PRO C 110 7.20 41.15 31.49
N LEU C 111 6.33 41.03 32.46
CA LEU C 111 5.42 39.91 32.54
C LEU C 111 4.33 40.08 31.50
N VAL C 112 4.20 39.09 30.63
CA VAL C 112 3.19 39.11 29.56
C VAL C 112 2.70 37.69 29.33
N GLU C 113 1.39 37.55 29.23
CA GLU C 113 0.73 36.33 28.79
C GLU C 113 0.29 36.52 27.34
N TYR C 114 0.64 35.59 26.45
CA TYR C 114 0.33 35.80 25.04
C TYR C 114 -0.31 34.57 24.44
N TYR C 115 -1.12 34.82 23.42
CA TYR C 115 -1.90 33.82 22.71
C TYR C 115 -1.79 34.07 21.21
N ILE C 116 -1.54 33.03 20.46
CA ILE C 116 -1.72 33.00 19.01
C ILE C 116 -2.79 31.93 18.80
N VAL C 117 -4.04 32.39 18.63
CA VAL C 117 -5.21 31.50 18.66
C VAL C 117 -5.46 30.99 17.25
N GLU C 118 -5.33 29.69 17.08
CA GLU C 118 -5.53 29.04 15.83
C GLU C 118 -6.98 28.67 15.61
N SER C 119 -7.70 28.41 16.70
CA SER C 119 -9.11 28.09 16.62
C SER C 119 -9.73 28.39 17.97
N TYR C 120 -11.05 28.63 17.97
CA TYR C 120 -11.77 28.85 19.21
C TYR C 120 -13.21 28.39 19.04
N GLY C 121 -13.93 28.32 20.17
CA GLY C 121 -15.28 27.84 20.20
C GLY C 121 -16.28 28.94 19.92
N ASP C 122 -17.19 29.19 20.85
CA ASP C 122 -18.26 30.13 20.62
C ASP C 122 -17.95 31.54 21.10
N TYR C 123 -16.75 31.77 21.64
CA TYR C 123 -16.38 33.07 22.21
C TYR C 123 -15.04 33.50 21.63
N ASN C 124 -15.01 34.64 20.97
CA ASN C 124 -13.76 35.19 20.48
C ASN C 124 -13.03 35.84 21.65
N PRO C 125 -11.91 35.28 22.13
CA PRO C 125 -11.32 35.77 23.38
C PRO C 125 -10.68 37.14 23.26
N GLY C 126 -10.11 37.43 22.11
CA GLY C 126 -9.42 38.72 21.94
C GLY C 126 -10.41 39.84 22.23
N THR C 127 -11.72 39.59 22.16
CA THR C 127 -12.80 40.57 22.38
C THR C 127 -12.85 41.13 23.81
N ALA C 128 -12.14 40.55 24.75
CA ALA C 128 -12.03 41.07 26.13
C ALA C 128 -11.07 42.25 26.10
N GLY C 129 -10.37 42.41 24.99
CA GLY C 129 -9.37 43.44 24.93
C GLY C 129 -9.70 44.44 23.86
N THR C 130 -8.73 45.25 23.51
CA THR C 130 -8.89 46.31 22.53
C THR C 130 -8.30 45.84 21.23
N PHE C 131 -9.05 46.07 20.13
CA PHE C 131 -8.57 45.73 18.80
C PHE C 131 -7.50 46.71 18.37
N LEU C 132 -6.39 46.19 17.84
CA LEU C 132 -5.27 47.01 17.43
C LEU C 132 -4.83 46.80 15.99
N GLY C 133 -5.35 45.80 15.29
CA GLY C 133 -5.02 45.61 13.89
C GLY C 133 -4.81 44.18 13.50
N THR C 134 -3.94 43.95 12.51
CA THR C 134 -3.82 42.63 11.90
C THR C 134 -2.38 42.29 11.60
N VAL C 135 -2.13 41.02 11.38
CA VAL C 135 -0.90 40.52 10.80
C VAL C 135 -1.30 39.37 9.88
N ASP C 136 -0.56 39.20 8.82
CA ASP C 136 -0.72 38.07 7.91
C ASP C 136 0.39 37.08 8.19
N SER C 137 0.01 35.84 8.47
CA SER C 137 1.00 34.80 8.74
C SER C 137 0.42 33.42 8.49
N ASP C 138 1.22 32.56 7.89
CA ASP C 138 0.89 31.14 7.74
C ASP C 138 -0.49 30.95 7.13
N GLY C 139 -0.75 31.69 6.06
CA GLY C 139 -1.97 31.46 5.30
C GLY C 139 -3.20 32.21 5.73
N SER C 140 -3.13 33.03 6.80
CA SER C 140 -4.33 33.71 7.25
C SER C 140 -4.00 35.07 7.80
N THR C 141 -4.97 35.96 7.76
CA THR C 141 -4.93 37.21 8.54
C THR C 141 -5.31 36.85 9.97
N TYR C 142 -4.68 37.53 10.92
CA TYR C 142 -4.95 37.44 12.34
C TYR C 142 -5.37 38.81 12.85
N ASP C 143 -6.34 38.83 13.72
CA ASP C 143 -6.74 40.06 14.42
C ASP C 143 -5.99 40.17 15.74
N ILE C 144 -5.45 41.36 16.00
CA ILE C 144 -4.56 41.59 17.14
C ILE C 144 -5.34 42.39 18.19
N TYR C 145 -5.24 41.95 19.43
CA TYR C 145 -5.86 42.63 20.56
C TYR C 145 -4.90 42.68 21.74
N LYS C 146 -5.13 43.65 22.62
CA LYS C 146 -4.38 43.73 23.87
C LYS C 146 -5.38 43.82 25.01
N ALA C 147 -5.16 43.07 26.07
CA ALA C 147 -5.92 43.21 27.31
C ALA C 147 -5.00 43.49 28.48
N VAL C 148 -5.51 44.20 29.48
CA VAL C 148 -4.75 44.52 30.70
C VAL C 148 -5.31 43.67 31.83
N ARG C 149 -4.42 42.95 32.53
CA ARG C 149 -4.77 42.10 33.66
C ARG C 149 -4.28 42.76 34.94
N THR C 150 -5.19 43.06 35.85
CA THR C 150 -4.86 43.72 37.10
C THR C 150 -5.10 42.75 38.25
N ASN C 151 -4.14 42.67 39.16
CA ASN C 151 -4.21 41.77 40.32
C ASN C 151 -4.76 40.40 39.91
N ALA C 152 -4.09 39.80 38.93
CA ALA C 152 -4.50 38.54 38.33
C ALA C 152 -3.47 37.45 38.60
N PRO C 153 -3.88 36.18 38.52
CA PRO C 153 -2.89 35.11 38.66
C PRO C 153 -1.87 35.17 37.53
N SER C 154 -0.64 34.79 37.84
CA SER C 154 0.41 34.73 36.84
C SER C 154 1.44 33.68 37.27
N ILE C 155 2.40 33.41 36.38
CA ILE C 155 3.50 32.54 36.76
C ILE C 155 4.38 33.18 37.82
N GLU C 156 4.18 34.47 38.11
CA GLU C 156 4.94 35.20 39.12
C GLU C 156 4.09 35.52 40.35
N GLY C 157 2.92 34.89 40.50
CA GLY C 157 2.01 35.25 41.54
C GLY C 157 1.06 36.36 41.10
N THR C 158 0.28 36.84 42.07
CA THR C 158 -0.67 37.92 41.79
C THR C 158 0.08 39.11 41.22
N ALA C 159 -0.28 39.52 40.00
CA ALA C 159 0.46 40.57 39.33
C ALA C 159 -0.46 41.30 38.38
N THR C 160 0.01 42.45 37.94
CA THR C 160 -0.66 43.28 36.93
C THR C 160 0.18 43.23 35.67
N PHE C 161 -0.44 42.85 34.55
CA PHE C 161 0.32 42.55 33.36
C PHE C 161 -0.57 42.62 32.13
N ASP C 162 0.06 42.60 30.99
CA ASP C 162 -0.61 42.71 29.70
C ASP C 162 -0.78 41.33 29.10
N GLN C 163 -1.86 41.17 28.35
CA GLN C 163 -2.16 40.02 27.53
C GLN C 163 -2.16 40.42 26.07
N TYR C 164 -1.40 39.71 25.26
CA TYR C 164 -1.35 39.94 23.82
C TYR C 164 -2.05 38.81 23.09
N TRP C 165 -2.94 39.17 22.13
CA TRP C 165 -3.69 38.18 21.36
C TRP C 165 -3.40 38.37 19.87
N SER C 166 -3.20 37.26 19.17
CA SER C 166 -3.34 37.17 17.72
C SER C 166 -4.39 36.11 17.45
N ILE C 167 -5.46 36.46 16.75
CA ILE C 167 -6.62 35.57 16.58
C ILE C 167 -6.81 35.26 15.10
N ARG C 168 -6.53 34.03 14.72
CA ARG C 168 -6.61 33.62 13.32
C ARG C 168 -8.03 33.72 12.80
N ARG C 169 -8.20 34.36 11.61
CA ARG C 169 -9.55 34.45 11.07
C ARG C 169 -10.01 33.12 10.50
N ASN C 170 -9.11 32.36 9.92
CA ASN C 170 -9.43 31.08 9.27
C ASN C 170 -9.03 29.99 10.26
N HIS C 171 -9.99 29.56 11.06
CA HIS C 171 -9.68 28.65 12.16
C HIS C 171 -9.21 27.30 11.65
N ARG C 172 -8.27 26.70 12.38
CA ARG C 172 -7.69 25.43 11.95
C ARG C 172 -7.11 24.72 13.17
N THR C 173 -6.91 23.41 13.04
CA THR C 173 -6.39 22.60 14.15
C THR C 173 -5.09 21.88 13.78
N SER C 174 -4.52 22.21 12.61
CA SER C 174 -3.22 21.74 12.19
C SER C 174 -2.54 22.88 11.45
N GLY C 175 -1.22 22.83 11.38
CA GLY C 175 -0.50 23.79 10.55
C GLY C 175 0.78 24.21 11.22
N THR C 176 1.42 25.24 10.66
CA THR C 176 2.64 25.83 11.17
C THR C 176 2.34 27.23 11.66
N VAL C 177 2.91 27.59 12.82
CA VAL C 177 2.81 28.95 13.35
C VAL C 177 4.20 29.50 13.48
N ASN C 178 4.51 30.55 12.71
CA ASN C 178 5.76 31.27 12.86
C ASN C 178 5.60 32.28 13.98
N THR C 179 6.04 31.91 15.20
CA THR C 179 5.79 32.83 16.31
C THR C 179 6.48 34.17 16.10
N GLY C 180 7.62 34.17 15.43
CA GLY C 180 8.36 35.41 15.23
C GLY C 180 7.55 36.45 14.46
N ASN C 181 6.71 36.01 13.54
CA ASN C 181 5.87 36.95 12.80
C ASN C 181 4.91 37.66 13.74
N HIS C 182 4.35 36.93 14.69
CA HIS C 182 3.44 37.53 15.66
C HIS C 182 4.19 38.42 16.62
N PHE C 183 5.35 37.98 17.10
CA PHE C 183 6.15 38.81 17.99
C PHE C 183 6.49 40.12 17.28
N ASN C 184 6.78 40.03 15.98
CA ASN C 184 7.12 41.23 15.22
C ASN C 184 5.90 42.13 15.09
N ALA C 185 4.76 41.56 14.66
CA ALA C 185 3.56 42.38 14.51
C ALA C 185 3.17 43.03 15.83
N TRP C 186 3.31 42.29 16.93
CA TRP C 186 2.98 42.88 18.22
C TRP C 186 3.90 44.05 18.53
N ALA C 187 5.20 43.91 18.26
CA ALA C 187 6.10 45.02 18.50
C ALA C 187 5.78 46.23 17.61
N GLN C 188 5.33 45.97 16.38
CA GLN C 188 4.94 47.10 15.50
C GLN C 188 3.77 47.86 16.09
N HIS C 189 3.01 47.24 17.01
CA HIS C 189 1.88 47.87 17.68
C HIS C 189 2.30 48.41 19.04
N GLY C 190 3.60 48.40 19.34
CA GLY C 190 4.08 48.87 20.61
C GLY C 190 4.01 47.86 21.73
N LEU C 191 3.77 46.60 21.42
CA LEU C 191 3.57 45.55 22.43
C LEU C 191 4.85 44.73 22.54
N GLN C 192 5.64 45.03 23.59
CA GLN C 192 6.95 44.43 23.73
C GLN C 192 6.92 43.22 24.64
N LEU C 193 7.81 42.29 24.37
CA LEU C 193 7.89 41.04 25.11
C LEU C 193 9.17 41.03 25.94
N GLY C 194 9.12 40.31 27.04
CA GLY C 194 10.25 40.15 27.93
C GLY C 194 11.04 38.89 27.66
N THR C 195 11.62 38.35 28.74
CA THR C 195 12.38 37.11 28.66
C THR C 195 11.40 35.94 28.59
N HIS C 196 11.60 35.06 27.63
CA HIS C 196 10.62 34.02 27.38
C HIS C 196 10.62 32.98 28.49
N ASN C 197 9.43 32.65 29.02
CA ASN C 197 9.22 31.47 29.84
C ASN C 197 8.65 30.37 28.93
N TYR C 198 7.69 29.59 29.40
CA TYR C 198 7.29 28.47 28.56
C TYR C 198 6.41 28.91 27.37
N GLN C 199 6.23 27.94 26.46
CA GLN C 199 5.62 28.19 25.14
C GLN C 199 5.03 26.86 24.69
N ILE C 200 3.71 26.74 24.72
CA ILE C 200 3.08 25.45 24.41
C ILE C 200 1.95 25.62 23.40
N VAL C 201 1.62 24.51 22.73
CA VAL C 201 0.42 24.48 21.91
C VAL C 201 -0.68 24.03 22.86
N ALA C 202 -1.41 25.01 23.39
CA ALA C 202 -2.33 24.83 24.50
C ALA C 202 -3.76 24.64 24.05
N THR C 203 -4.41 23.73 24.70
CA THR C 203 -5.87 23.62 24.71
C THR C 203 -6.32 24.27 26.00
N GLU C 204 -7.25 25.22 25.89
CA GLU C 204 -7.77 25.89 27.07
C GLU C 204 -9.30 25.85 27.03
N GLY C 205 -9.89 25.64 28.19
CA GLY C 205 -11.34 25.59 28.28
C GLY C 205 -11.83 26.47 29.41
N TYR C 206 -13.05 26.98 29.25
CA TYR C 206 -13.67 27.85 30.25
C TYR C 206 -15.15 27.50 30.29
N GLN C 207 -15.61 26.92 31.40
CA GLN C 207 -17.03 26.59 31.57
C GLN C 207 -17.57 25.99 30.29
N SER C 208 -16.88 24.93 29.81
CA SER C 208 -17.26 24.27 28.56
C SER C 208 -17.03 22.78 28.69
N SER C 209 -17.30 22.08 27.60
CA SER C 209 -16.98 20.68 27.42
C SER C 209 -16.28 20.57 26.10
N GLY C 210 -15.60 19.45 25.89
CA GLY C 210 -14.98 19.21 24.60
C GLY C 210 -13.86 18.19 24.67
N SER C 211 -13.14 18.11 23.56
CA SER C 211 -12.03 17.20 23.39
C SER C 211 -11.00 17.83 22.45
N SER C 212 -9.76 17.45 22.63
CA SER C 212 -8.70 17.82 21.71
C SER C 212 -7.62 16.75 21.74
N SER C 213 -6.89 16.63 20.63
CA SER C 213 -5.82 15.67 20.49
C SER C 213 -4.82 16.32 19.58
N ILE C 214 -3.63 16.62 20.09
CA ILE C 214 -2.71 17.52 19.39
C ILE C 214 -1.29 16.91 19.47
N THR C 215 -0.59 16.91 18.34
CA THR C 215 0.81 16.53 18.26
C THR C 215 1.64 17.72 17.83
N VAL C 216 2.63 18.08 18.66
CA VAL C 216 3.48 19.25 18.42
C VAL C 216 4.87 18.81 17.97
N SER C 217 5.57 19.74 17.31
CA SER C 217 6.96 19.56 16.89
C SER C 217 7.49 20.88 16.36
N VAL C 218 8.81 20.97 16.23
CA VAL C 218 9.42 22.13 15.59
C VAL C 218 9.21 21.99 14.09
N ASP C 219 8.61 23.00 13.47
CA ASP C 219 8.39 22.92 12.04
C ASP C 219 9.74 22.91 11.33
N HIS C 220 9.86 22.06 10.31
CA HIS C 220 11.11 22.00 9.55
C HIS C 220 11.44 23.34 8.91
N HIS C 221 10.45 24.02 8.36
CA HIS C 221 10.66 25.26 7.63
C HIS C 221 11.01 26.41 8.56
N SER D 29 11.97 -2.87 -14.93
CA SER D 29 10.89 -3.85 -14.97
C SER D 29 9.61 -3.24 -15.56
N VAL D 30 9.00 -3.96 -16.48
CA VAL D 30 7.82 -3.50 -17.20
C VAL D 30 6.68 -4.47 -16.95
N THR D 31 5.49 -3.94 -16.83
CA THR D 31 4.28 -4.75 -16.96
C THR D 31 4.41 -5.60 -18.21
N PRO D 32 4.06 -6.89 -18.15
CA PRO D 32 4.12 -7.70 -19.37
C PRO D 32 3.16 -7.15 -20.39
N SER D 33 3.55 -7.24 -21.66
CA SER D 33 2.62 -6.88 -22.74
C SER D 33 1.40 -7.79 -22.70
N SER D 34 0.22 -7.21 -22.87
CA SER D 34 -1.01 -8.00 -22.82
C SER D 34 -2.13 -7.26 -23.54
N THR D 35 -3.17 -8.01 -23.89
CA THR D 35 -4.29 -7.51 -24.67
C THR D 35 -5.55 -8.21 -24.24
N GLY D 36 -6.67 -7.62 -24.57
CA GLY D 36 -7.96 -8.31 -24.46
C GLY D 36 -9.03 -7.47 -23.84
N THR D 37 -9.91 -8.12 -23.10
CA THR D 37 -11.10 -7.45 -22.57
C THR D 37 -10.93 -7.10 -21.11
N ASN D 38 -11.42 -5.93 -20.73
CA ASN D 38 -11.41 -5.48 -19.35
C ASN D 38 -12.60 -4.56 -19.20
N ASN D 39 -13.56 -4.95 -18.34
CA ASN D 39 -14.75 -4.15 -18.07
C ASN D 39 -15.49 -3.82 -19.35
N GLY D 40 -15.54 -4.77 -20.27
CA GLY D 40 -16.27 -4.59 -21.51
C GLY D 40 -15.55 -3.75 -22.56
N TYR D 41 -14.37 -3.23 -22.25
CA TYR D 41 -13.54 -2.54 -23.22
C TYR D 41 -12.45 -3.46 -23.70
N TYR D 42 -11.93 -3.16 -24.88
CA TYR D 42 -10.70 -3.76 -25.35
C TYR D 42 -9.55 -2.95 -24.80
N TYR D 43 -8.45 -3.63 -24.48
CA TYR D 43 -7.22 -2.89 -24.19
C TYR D 43 -6.05 -3.58 -24.85
N SER D 44 -5.02 -2.79 -25.15
CA SER D 44 -3.73 -3.33 -25.51
C SER D 44 -2.65 -2.58 -24.75
N PHE D 45 -1.70 -3.32 -24.21
CA PHE D 45 -0.47 -2.75 -23.69
C PHE D 45 0.69 -3.51 -24.31
N TRP D 46 1.59 -2.78 -24.93
CA TRP D 46 2.81 -3.35 -25.48
C TRP D 46 3.98 -2.44 -25.13
N SER D 47 5.10 -3.07 -24.81
CA SER D 47 6.38 -2.33 -24.69
C SER D 47 7.52 -3.18 -25.24
N ASP D 48 8.64 -2.51 -25.51
CA ASP D 48 9.83 -3.20 -25.94
C ASP D 48 10.68 -3.65 -24.76
N GLY D 49 10.17 -3.56 -23.52
CA GLY D 49 10.88 -3.97 -22.34
C GLY D 49 11.84 -2.96 -21.75
N GLY D 50 12.06 -1.84 -22.37
CA GLY D 50 13.02 -0.86 -21.87
C GLY D 50 12.50 -0.10 -20.65
N GLY D 51 13.42 0.25 -19.77
CA GLY D 51 13.09 1.07 -18.65
C GLY D 51 12.10 0.41 -17.70
N ASP D 52 11.43 1.26 -16.94
CA ASP D 52 10.42 0.84 -15.97
C ASP D 52 9.07 1.38 -16.40
N VAL D 53 8.15 0.49 -16.75
CA VAL D 53 6.82 0.88 -17.24
C VAL D 53 5.78 0.08 -16.49
N THR D 54 4.86 0.79 -15.83
CA THR D 54 3.73 0.18 -15.15
C THR D 54 2.45 0.62 -15.82
N TYR D 55 1.75 -0.32 -16.45
CA TYR D 55 0.43 -0.12 -17.03
C TYR D 55 -0.60 -0.79 -16.14
N THR D 56 -1.66 -0.04 -15.81
CA THR D 56 -2.70 -0.55 -14.93
C THR D 56 -4.07 -0.29 -15.51
N ASN D 57 -4.81 -1.34 -15.84
CA ASN D 57 -6.23 -1.16 -16.12
C ASN D 57 -6.97 -0.81 -14.84
N GLY D 58 -7.86 0.19 -14.93
CA GLY D 58 -8.70 0.58 -13.82
C GLY D 58 -10.15 0.27 -14.10
N ASN D 59 -11.02 0.86 -13.28
CA ASN D 59 -12.45 0.61 -13.41
C ASN D 59 -13.00 1.23 -14.70
N GLY D 60 -14.08 0.66 -15.20
CA GLY D 60 -14.71 1.16 -16.42
C GLY D 60 -13.73 1.29 -17.56
N GLY D 61 -13.74 2.45 -18.19
CA GLY D 61 -12.88 2.72 -19.36
C GLY D 61 -11.54 3.34 -19.01
N SER D 62 -11.12 3.20 -17.77
CA SER D 62 -9.93 3.89 -17.28
C SER D 62 -8.70 3.01 -17.31
N TYR D 63 -7.55 3.64 -17.57
CA TYR D 63 -6.25 3.00 -17.37
C TYR D 63 -5.25 4.06 -16.96
N SER D 64 -4.10 3.61 -16.47
CA SER D 64 -3.01 4.53 -16.20
C SER D 64 -1.69 3.88 -16.63
N VAL D 65 -0.74 4.74 -16.92
CA VAL D 65 0.63 4.35 -17.22
C VAL D 65 1.55 5.26 -16.42
N GLU D 66 2.54 4.68 -15.77
CA GLU D 66 3.65 5.44 -15.21
C GLU D 66 4.90 4.85 -15.81
N TRP D 67 5.76 5.70 -16.38
CA TRP D 67 6.94 5.14 -17.02
C TRP D 67 8.16 5.98 -16.71
N THR D 68 9.28 5.27 -16.64
CA THR D 68 10.58 5.85 -16.29
C THR D 68 11.59 5.36 -17.32
N ASN D 69 12.08 6.28 -18.14
CA ASN D 69 13.09 5.96 -19.14
C ASN D 69 12.70 4.76 -19.99
N CYS D 70 11.53 4.87 -20.60
CA CYS D 70 11.05 3.79 -21.45
C CYS D 70 11.88 3.70 -22.72
N GLY D 71 11.74 2.59 -23.42
CA GLY D 71 12.19 2.49 -24.77
C GLY D 71 11.06 3.00 -25.64
N ASN D 72 10.11 2.12 -25.87
CA ASN D 72 8.87 2.50 -26.56
C ASN D 72 7.77 1.62 -25.98
N PHE D 73 6.65 2.23 -25.64
CA PHE D 73 5.47 1.51 -25.24
C PHE D 73 4.26 2.19 -25.82
N VAL D 74 3.17 1.42 -25.94
CA VAL D 74 1.85 1.86 -26.37
C VAL D 74 0.79 1.13 -25.54
N GLY D 75 -0.07 1.88 -24.88
CA GLY D 75 -1.09 1.24 -24.08
C GLY D 75 -2.36 2.06 -24.03
N GLY D 76 -3.50 1.39 -23.97
CA GLY D 76 -4.75 2.08 -23.75
C GLY D 76 -5.93 1.18 -23.97
N LYS D 77 -7.12 1.77 -23.79
CA LYS D 77 -8.43 1.12 -23.82
C LYS D 77 -9.26 1.61 -25.00
N GLY D 78 -10.14 0.78 -25.45
CA GLY D 78 -11.04 1.14 -26.53
C GLY D 78 -11.82 -0.05 -27.05
N TRP D 79 -11.68 -0.34 -28.35
CA TRP D 79 -12.57 -1.26 -29.02
C TRP D 79 -11.78 -2.13 -29.99
N ASN D 80 -12.37 -3.29 -30.28
CA ASN D 80 -11.82 -4.20 -31.29
C ASN D 80 -13.02 -4.95 -31.85
N PRO D 81 -13.42 -4.71 -33.09
CA PRO D 81 -12.74 -3.88 -34.10
C PRO D 81 -12.93 -2.39 -33.91
N GLY D 82 -12.01 -1.61 -34.47
CA GLY D 82 -12.27 -0.20 -34.64
C GLY D 82 -13.39 0.06 -35.64
N ALA D 83 -13.79 1.31 -35.71
CA ALA D 83 -14.89 1.72 -36.58
C ALA D 83 -14.87 3.23 -36.71
N ALA D 84 -15.73 3.71 -37.61
CA ALA D 84 -16.07 5.14 -37.63
C ALA D 84 -17.01 5.37 -36.45
N ARG D 85 -16.47 5.93 -35.37
CA ARG D 85 -17.26 6.21 -34.20
C ARG D 85 -16.72 7.45 -33.53
N GLU D 86 -17.54 8.02 -32.66
CA GLU D 86 -17.16 9.18 -31.87
C GLU D 86 -16.66 8.69 -30.51
N ILE D 87 -15.38 8.95 -30.24
CA ILE D 87 -14.72 8.44 -29.05
C ILE D 87 -14.56 9.58 -28.06
N ASN D 88 -15.09 9.41 -26.85
CA ASN D 88 -14.89 10.37 -25.76
C ASN D 88 -13.75 9.93 -24.88
N PHE D 89 -12.91 10.88 -24.49
CA PHE D 89 -11.78 10.60 -23.64
C PHE D 89 -11.52 11.77 -22.71
N SER D 90 -10.93 11.48 -21.55
CA SER D 90 -10.41 12.52 -20.71
C SER D 90 -9.18 11.97 -19.98
N GLY D 91 -8.45 12.86 -19.35
CA GLY D 91 -7.52 12.39 -18.34
C GLY D 91 -6.38 13.37 -18.15
N SER D 92 -5.44 12.90 -17.34
CA SER D 92 -4.21 13.61 -17.06
C SER D 92 -3.14 13.00 -17.92
N PHE D 93 -2.39 13.82 -18.64
CA PHE D 93 -1.38 13.35 -19.56
C PHE D 93 -0.14 14.20 -19.34
N ASN D 94 0.87 13.61 -18.72
CA ASN D 94 2.06 14.33 -18.28
C ASN D 94 3.33 13.67 -18.79
N PRO D 95 3.57 13.77 -20.08
CA PRO D 95 4.84 13.27 -20.62
C PRO D 95 6.00 14.11 -20.13
N SER D 96 7.11 13.45 -19.83
CA SER D 96 8.34 14.11 -19.43
CA SER D 96 8.35 14.11 -19.45
C SER D 96 9.33 13.79 -20.56
N GLY D 97 9.23 14.58 -21.65
CA GLY D 97 9.88 14.28 -22.88
C GLY D 97 8.82 13.86 -23.89
N ASN D 98 9.15 12.84 -24.61
CA ASN D 98 8.46 12.43 -25.81
C ASN D 98 7.36 11.43 -25.46
N GLY D 99 6.11 11.85 -25.63
CA GLY D 99 4.95 11.00 -25.48
C GLY D 99 3.77 11.61 -26.20
N TYR D 100 2.83 10.74 -26.58
CA TYR D 100 1.64 11.19 -27.30
C TYR D 100 0.39 10.61 -26.68
N LEU D 101 -0.70 11.34 -26.76
CA LEU D 101 -2.06 10.87 -26.43
C LEU D 101 -2.89 10.92 -27.69
N SER D 102 -3.36 9.77 -28.15
CA SER D 102 -3.95 9.67 -29.47
C SER D 102 -5.09 8.66 -29.50
N VAL D 103 -6.00 8.84 -30.43
CA VAL D 103 -6.82 7.71 -30.93
C VAL D 103 -5.94 6.95 -31.91
N TYR D 104 -5.77 5.65 -31.66
CA TYR D 104 -4.69 4.88 -32.24
C TYR D 104 -5.19 3.49 -32.59
N GLY D 105 -4.79 2.98 -33.74
CA GLY D 105 -5.28 1.67 -34.09
C GLY D 105 -4.60 1.13 -35.32
N TRP D 106 -5.12 0.00 -35.77
CA TRP D 106 -4.54 -0.76 -36.86
C TRP D 106 -5.65 -1.22 -37.78
N THR D 107 -5.32 -1.30 -39.07
CA THR D 107 -6.06 -2.10 -40.04
C THR D 107 -5.13 -3.17 -40.59
N THR D 108 -5.74 -4.16 -41.23
CA THR D 108 -5.01 -5.19 -41.97
C THR D 108 -5.54 -5.25 -43.40
N ASN D 109 -4.68 -5.66 -44.32
CA ASN D 109 -5.04 -5.84 -45.72
C ASN D 109 -5.66 -4.56 -46.29
N PRO D 110 -4.91 -3.45 -46.32
CA PRO D 110 -3.49 -3.32 -45.98
C PRO D 110 -3.21 -3.10 -44.49
N LEU D 111 -2.01 -3.45 -44.08
CA LEU D 111 -1.55 -3.19 -42.72
C LEU D 111 -1.27 -1.70 -42.58
N VAL D 112 -2.00 -1.05 -41.68
CA VAL D 112 -1.85 0.39 -41.47
C VAL D 112 -1.88 0.65 -39.97
N GLU D 113 -0.93 1.42 -39.48
CA GLU D 113 -0.94 1.99 -38.13
C GLU D 113 -1.40 3.45 -38.24
N TYR D 114 -2.42 3.85 -37.48
CA TYR D 114 -2.92 5.21 -37.60
C TYR D 114 -3.04 5.89 -36.25
N TYR D 115 -2.82 7.20 -36.29
CA TYR D 115 -2.83 8.06 -35.12
C TYR D 115 -3.72 9.27 -35.37
N ILE D 116 -4.56 9.61 -34.39
CA ILE D 116 -5.22 10.92 -34.30
C ILE D 116 -4.72 11.52 -32.98
N VAL D 117 -3.68 12.34 -33.06
CA VAL D 117 -2.94 12.82 -31.92
C VAL D 117 -3.60 14.06 -31.34
N GLU D 118 -4.04 13.93 -30.08
CA GLU D 118 -4.73 15.03 -29.41
C GLU D 118 -3.79 15.89 -28.62
N SER D 119 -2.69 15.32 -28.14
CA SER D 119 -1.66 16.07 -27.46
C SER D 119 -0.35 15.31 -27.57
N TYR D 120 0.76 16.03 -27.46
CA TYR D 120 2.07 15.42 -27.43
C TYR D 120 2.99 16.24 -26.54
N GLY D 121 4.16 15.67 -26.26
CA GLY D 121 5.15 16.30 -25.37
C GLY D 121 6.09 17.22 -26.11
N ASP D 122 7.38 16.90 -26.06
CA ASP D 122 8.38 17.79 -26.66
C ASP D 122 8.64 17.52 -28.13
N TYR D 123 7.88 16.65 -28.76
CA TYR D 123 8.18 16.24 -30.13
C TYR D 123 6.87 15.99 -30.87
N ASN D 124 6.72 16.68 -32.03
CA ASN D 124 5.60 16.50 -32.96
C ASN D 124 5.87 15.27 -33.83
N PRO D 125 5.15 14.16 -33.60
CA PRO D 125 5.51 12.91 -34.28
C PRO D 125 5.14 12.89 -35.74
N GLY D 126 4.16 13.67 -36.16
CA GLY D 126 3.84 13.74 -37.58
C GLY D 126 5.01 14.21 -38.42
N THR D 127 5.91 15.00 -37.83
CA THR D 127 7.00 15.61 -38.57
C THR D 127 8.08 14.62 -38.99
N ALA D 128 7.97 13.36 -38.59
CA ALA D 128 8.81 12.31 -39.16
C ALA D 128 8.25 11.80 -40.48
N GLY D 129 7.12 12.32 -40.91
CA GLY D 129 6.52 11.88 -42.15
C GLY D 129 6.33 13.04 -43.11
N THR D 130 5.57 12.80 -44.15
CA THR D 130 5.34 13.79 -45.20
C THR D 130 4.05 14.54 -44.94
N PHE D 131 4.14 15.86 -44.86
CA PHE D 131 2.93 16.68 -44.70
C PHE D 131 2.05 16.56 -45.95
N LEU D 132 0.74 16.29 -45.75
CA LEU D 132 -0.17 16.14 -46.87
C LEU D 132 -1.34 17.11 -46.81
N GLY D 133 -1.51 17.84 -45.74
CA GLY D 133 -2.61 18.77 -45.66
C GLY D 133 -3.31 18.79 -44.32
N THR D 134 -4.60 19.10 -44.33
CA THR D 134 -5.32 19.36 -43.08
C THR D 134 -6.70 18.73 -43.15
N VAL D 135 -7.27 18.53 -41.96
CA VAL D 135 -8.71 18.27 -41.78
C VAL D 135 -9.19 19.08 -40.58
N ASP D 136 -10.42 19.52 -40.62
CA ASP D 136 -11.07 20.18 -39.50
C ASP D 136 -12.01 19.19 -38.83
N SER D 137 -11.91 19.05 -37.50
CA SER D 137 -12.74 18.09 -36.82
C SER D 137 -12.71 18.40 -35.33
N ASP D 138 -13.89 18.32 -34.70
CA ASP D 138 -14.01 18.39 -33.25
C ASP D 138 -13.29 19.62 -32.70
N GLY D 139 -13.54 20.76 -33.34
CA GLY D 139 -13.12 22.03 -32.81
C GLY D 139 -11.73 22.47 -33.15
N SER D 140 -10.99 21.74 -33.99
CA SER D 140 -9.63 22.12 -34.30
C SER D 140 -9.27 21.68 -35.72
N THR D 141 -8.31 22.40 -36.31
CA THR D 141 -7.64 21.90 -37.50
C THR D 141 -6.56 20.89 -37.09
N TYR D 142 -6.41 19.84 -37.88
CA TYR D 142 -5.39 18.84 -37.73
C TYR D 142 -4.47 18.87 -38.94
N ASP D 143 -3.18 18.72 -38.72
CA ASP D 143 -2.23 18.53 -39.81
C ASP D 143 -2.05 17.05 -40.11
N ILE D 144 -2.09 16.66 -41.40
CA ILE D 144 -2.09 15.27 -41.81
C ILE D 144 -0.72 14.90 -42.39
N TYR D 145 -0.17 13.77 -41.92
CA TYR D 145 1.11 13.27 -42.41
C TYR D 145 1.02 11.80 -42.72
N LYS D 146 1.88 11.36 -43.63
CA LYS D 146 2.05 9.95 -43.94
CA LYS D 146 2.05 9.95 -43.94
C LYS D 146 3.51 9.57 -43.71
N ALA D 147 3.72 8.46 -43.04
CA ALA D 147 5.06 7.95 -42.78
C ALA D 147 5.10 6.48 -43.18
N VAL D 148 6.31 5.96 -43.31
CA VAL D 148 6.53 4.55 -43.60
C VAL D 148 7.37 3.96 -42.47
N ARG D 149 6.94 2.82 -41.96
CA ARG D 149 7.69 2.07 -40.95
C ARG D 149 8.27 0.84 -41.62
N THR D 150 9.58 0.67 -41.50
CA THR D 150 10.29 -0.44 -42.13
C THR D 150 10.74 -1.41 -41.06
N ASN D 151 10.40 -2.69 -41.24
CA ASN D 151 10.84 -3.76 -40.34
C ASN D 151 10.63 -3.36 -38.88
N ALA D 152 9.39 -2.99 -38.57
CA ALA D 152 9.02 -2.48 -37.26
C ALA D 152 8.02 -3.40 -36.59
N PRO D 153 7.87 -3.33 -35.26
CA PRO D 153 6.84 -4.12 -34.61
C PRO D 153 5.45 -3.80 -35.16
N SER D 154 4.58 -4.79 -35.16
CA SER D 154 3.23 -4.62 -35.66
C SER D 154 2.34 -5.68 -35.04
N ILE D 155 1.02 -5.52 -35.25
CA ILE D 155 0.08 -6.53 -34.84
C ILE D 155 0.18 -7.80 -35.66
N GLU D 156 0.89 -7.76 -36.78
CA GLU D 156 1.17 -8.94 -37.58
C GLU D 156 2.67 -9.27 -37.56
N GLY D 157 3.35 -8.91 -36.47
CA GLY D 157 4.75 -9.15 -36.35
C GLY D 157 5.60 -8.05 -36.95
N THR D 158 6.90 -8.33 -37.02
CA THR D 158 7.81 -7.45 -37.72
C THR D 158 7.36 -7.29 -39.16
N ALA D 159 7.21 -6.04 -39.60
CA ALA D 159 6.60 -5.76 -40.90
C ALA D 159 6.96 -4.34 -41.35
N THR D 160 6.72 -4.07 -42.62
CA THR D 160 6.81 -2.74 -43.20
C THR D 160 5.40 -2.28 -43.60
N PHE D 161 5.07 -1.03 -43.28
CA PHE D 161 3.70 -0.55 -43.40
C PHE D 161 3.67 0.97 -43.37
N ASP D 162 2.54 1.52 -43.83
CA ASP D 162 2.29 2.93 -43.78
C ASP D 162 1.67 3.35 -42.44
N GLN D 163 2.01 4.56 -42.01
CA GLN D 163 1.44 5.23 -40.87
C GLN D 163 0.67 6.46 -41.34
N TYR D 164 -0.57 6.61 -40.92
CA TYR D 164 -1.36 7.81 -41.16
C TYR D 164 -1.46 8.60 -39.85
N TRP D 165 -1.19 9.90 -39.91
CA TRP D 165 -1.19 10.78 -38.76
C TRP D 165 -2.15 11.96 -39.01
N SER D 166 -3.03 12.22 -38.07
CA SER D 166 -3.70 13.49 -37.92
C SER D 166 -3.19 14.12 -36.63
N ILE D 167 -2.64 15.34 -36.70
CA ILE D 167 -2.03 15.96 -35.51
C ILE D 167 -2.82 17.22 -35.16
N ARG D 168 -3.46 17.22 -33.99
CA ARG D 168 -4.31 18.33 -33.59
C ARG D 168 -3.48 19.59 -33.31
N ARG D 169 -3.95 20.74 -33.88
CA ARG D 169 -3.18 21.96 -33.63
C ARG D 169 -3.45 22.54 -32.26
N ASN D 170 -4.67 22.45 -31.79
CA ASN D 170 -5.08 22.95 -30.47
C ASN D 170 -5.07 21.74 -29.52
N HIS D 171 -3.94 21.53 -28.85
CA HIS D 171 -3.77 20.30 -28.04
C HIS D 171 -4.74 20.30 -26.86
N ARG D 172 -5.09 19.08 -26.42
CA ARG D 172 -6.11 18.94 -25.38
C ARG D 172 -6.00 17.53 -24.84
N THR D 173 -6.48 17.34 -23.61
CA THR D 173 -6.46 16.04 -22.95
C THR D 173 -7.86 15.54 -22.64
N SER D 174 -8.89 16.20 -23.18
CA SER D 174 -10.26 15.72 -23.07
C SER D 174 -11.05 16.21 -24.26
N GLY D 175 -12.05 15.45 -24.64
CA GLY D 175 -12.89 15.81 -25.74
C GLY D 175 -13.41 14.58 -26.45
N THR D 176 -13.95 14.81 -27.65
CA THR D 176 -14.50 13.78 -28.48
C THR D 176 -13.80 13.80 -29.83
N VAL D 177 -13.52 12.61 -30.36
CA VAL D 177 -12.83 12.45 -31.63
C VAL D 177 -13.74 11.67 -32.56
N ASN D 178 -14.11 12.28 -33.67
CA ASN D 178 -14.89 11.63 -34.71
C ASN D 178 -13.91 10.93 -35.65
N THR D 179 -13.69 9.62 -35.44
CA THR D 179 -12.69 8.92 -36.25
C THR D 179 -13.07 8.91 -37.72
N GLY D 180 -14.38 8.89 -38.01
CA GLY D 180 -14.80 8.86 -39.40
C GLY D 180 -14.41 10.10 -40.18
N ASN D 181 -14.31 11.24 -39.51
CA ASN D 181 -13.82 12.45 -40.17
C ASN D 181 -12.37 12.27 -40.64
N HIS D 182 -11.53 11.69 -39.79
CA HIS D 182 -10.13 11.47 -40.18
C HIS D 182 -9.99 10.38 -41.22
N PHE D 183 -10.74 9.28 -41.07
CA PHE D 183 -10.73 8.26 -42.09
C PHE D 183 -11.11 8.87 -43.43
N ASN D 184 -12.12 9.74 -43.43
CA ASN D 184 -12.50 10.41 -44.67
CA ASN D 184 -12.50 10.41 -44.67
C ASN D 184 -11.36 11.27 -45.23
N ALA D 185 -10.81 12.18 -44.41
CA ALA D 185 -9.79 13.08 -44.91
C ALA D 185 -8.59 12.30 -45.41
N TRP D 186 -8.19 11.25 -44.68
CA TRP D 186 -7.07 10.41 -45.14
C TRP D 186 -7.38 9.82 -46.52
N ALA D 187 -8.58 9.32 -46.71
CA ALA D 187 -8.95 8.76 -48.01
C ALA D 187 -8.95 9.85 -49.08
N GLN D 188 -9.32 11.08 -48.71
CA GLN D 188 -9.29 12.15 -49.72
C GLN D 188 -7.88 12.42 -50.22
N HIS D 189 -6.86 12.01 -49.44
CA HIS D 189 -5.45 12.22 -49.77
C HIS D 189 -4.84 10.96 -50.37
N GLY D 190 -5.64 9.96 -50.70
CA GLY D 190 -5.14 8.72 -51.24
C GLY D 190 -4.68 7.70 -50.21
N LEU D 191 -4.98 7.93 -48.93
CA LEU D 191 -4.53 7.06 -47.84
C LEU D 191 -5.67 6.14 -47.49
N GLN D 192 -5.54 4.86 -47.90
CA GLN D 192 -6.63 3.92 -47.76
C GLN D 192 -6.43 3.03 -46.53
N LEU D 193 -7.55 2.64 -45.94
CA LEU D 193 -7.59 1.81 -44.74
C LEU D 193 -8.11 0.43 -45.11
N GLY D 194 -7.62 -0.57 -44.40
CA GLY D 194 -8.05 -1.93 -44.59
C GLY D 194 -9.11 -2.35 -43.60
N THR D 195 -9.10 -3.64 -43.25
CA THR D 195 -10.05 -4.17 -42.29
C THR D 195 -9.59 -3.81 -40.87
N HIS D 196 -10.48 -3.18 -40.12
CA HIS D 196 -10.12 -2.62 -38.83
C HIS D 196 -9.74 -3.71 -37.85
N ASN D 197 -8.60 -3.51 -37.21
CA ASN D 197 -8.22 -4.25 -36.01
C ASN D 197 -8.56 -3.34 -34.84
N TYR D 198 -7.74 -3.32 -33.79
CA TYR D 198 -8.16 -2.59 -32.60
C TYR D 198 -8.03 -1.07 -32.76
N GLN D 199 -8.66 -0.35 -31.84
CA GLN D 199 -8.80 1.09 -31.84
C GLN D 199 -8.92 1.54 -30.39
N ILE D 200 -7.88 2.21 -29.88
CA ILE D 200 -7.82 2.60 -28.49
C ILE D 200 -7.44 4.07 -28.35
N VAL D 201 -7.67 4.60 -27.14
CA VAL D 201 -7.13 5.90 -26.77
C VAL D 201 -5.80 5.60 -26.07
N ALA D 202 -4.75 5.72 -26.83
CA ALA D 202 -3.44 5.24 -26.45
C ALA D 202 -2.54 6.33 -25.86
N THR D 203 -1.83 5.95 -24.82
CA THR D 203 -0.65 6.68 -24.34
C THR D 203 0.55 5.96 -24.91
N GLU D 204 1.47 6.71 -25.52
CA GLU D 204 2.68 6.16 -26.09
C GLU D 204 3.87 7.02 -25.61
N GLY D 205 4.94 6.36 -25.23
CA GLY D 205 6.17 7.06 -24.88
C GLY D 205 7.31 6.52 -25.71
N TYR D 206 8.31 7.37 -25.92
CA TYR D 206 9.51 6.99 -26.66
C TYR D 206 10.70 7.66 -26.00
N GLN D 207 11.57 6.84 -25.39
CA GLN D 207 12.82 7.32 -24.75
C GLN D 207 12.54 8.48 -23.79
N SER D 208 11.59 8.25 -22.90
CA SER D 208 11.09 9.33 -22.05
C SER D 208 10.56 8.76 -20.74
N SER D 209 10.10 9.66 -19.89
CA SER D 209 9.38 9.32 -18.67
C SER D 209 8.05 10.06 -18.68
N GLY D 210 7.15 9.69 -17.79
CA GLY D 210 5.88 10.38 -17.69
C GLY D 210 4.84 9.61 -16.94
N SER D 211 3.66 10.18 -16.92
CA SER D 211 2.50 9.52 -16.37
C SER D 211 1.29 9.91 -17.19
N SER D 212 0.30 9.06 -17.16
CA SER D 212 -0.98 9.31 -17.82
CA SER D 212 -0.97 9.30 -17.83
C SER D 212 -2.07 8.54 -17.11
N SER D 213 -3.24 9.16 -17.02
CA SER D 213 -4.43 8.54 -16.45
C SER D 213 -5.58 8.93 -17.34
N ILE D 214 -6.08 7.98 -18.12
CA ILE D 214 -7.02 8.23 -19.21
C ILE D 214 -8.28 7.42 -19.01
N THR D 215 -9.43 8.02 -19.32
CA THR D 215 -10.70 7.30 -19.25
C THR D 215 -11.45 7.47 -20.55
N VAL D 216 -11.83 6.36 -21.16
CA VAL D 216 -12.49 6.35 -22.47
C VAL D 216 -13.97 5.95 -22.36
N SER D 217 -14.72 6.31 -23.39
CA SER D 217 -16.13 5.94 -23.56
C SER D 217 -16.55 6.25 -24.99
N VAL D 218 -17.72 5.73 -25.39
CA VAL D 218 -18.34 6.11 -26.66
C VAL D 218 -19.58 6.95 -26.37
N ASP D 219 -19.72 8.05 -27.11
CA ASP D 219 -20.88 8.94 -27.06
C ASP D 219 -21.54 9.07 -25.68
N SER E 29 10.38 -11.17 -2.02
N SER E 29 11.93 -9.16 -2.17
CA SER E 29 11.76 -10.72 -1.77
CA SER E 29 11.68 -10.52 -1.74
C SER E 29 12.05 -10.73 -0.27
C SER E 29 12.03 -10.69 -0.26
N VAL E 30 13.29 -10.41 0.10
CA VAL E 30 13.74 -10.45 1.48
C VAL E 30 14.08 -9.04 1.98
N THR E 31 13.74 -8.80 3.23
CA THR E 31 14.31 -7.72 4.00
C THR E 31 15.84 -7.75 3.89
N PRO E 32 16.48 -6.61 3.66
CA PRO E 32 17.94 -6.61 3.64
C PRO E 32 18.52 -6.95 4.99
N SER E 33 19.68 -7.58 4.97
CA SER E 33 20.39 -7.85 6.23
C SER E 33 20.81 -6.52 6.87
N SER E 34 20.47 -6.36 8.13
CA SER E 34 20.77 -5.12 8.84
C SER E 34 20.85 -5.38 10.33
N THR E 35 21.54 -4.46 11.02
CA THR E 35 21.77 -4.58 12.44
C THR E 35 21.69 -3.23 13.13
N GLY E 36 21.56 -3.24 14.43
CA GLY E 36 21.73 -2.06 15.25
C GLY E 36 20.61 -1.79 16.21
N THR E 37 20.37 -0.53 16.48
CA THR E 37 19.51 -0.12 17.58
C THR E 37 18.11 0.19 17.09
N ASN E 38 17.11 -0.30 17.82
CA ASN E 38 15.71 0.05 17.60
C ASN E 38 15.00 0.07 18.95
N ASN E 39 14.50 1.23 19.35
CA ASN E 39 13.72 1.36 20.57
C ASN E 39 14.50 0.90 21.80
N GLY E 40 15.79 1.22 21.82
CA GLY E 40 16.64 0.89 22.94
C GLY E 40 17.12 -0.56 22.99
N TYR E 41 16.75 -1.38 22.02
CA TYR E 41 17.23 -2.76 21.91
C TYR E 41 18.20 -2.84 20.75
N TYR E 42 19.01 -3.87 20.79
CA TYR E 42 19.76 -4.29 19.62
C TYR E 42 18.90 -5.23 18.80
N TYR E 43 19.09 -5.19 17.48
CA TYR E 43 18.47 -6.17 16.62
C TYR E 43 19.43 -6.58 15.54
N SER E 44 19.24 -7.78 15.03
CA SER E 44 19.96 -8.23 13.85
C SER E 44 18.99 -8.99 12.96
N PHE E 45 19.04 -8.74 11.67
CA PHE E 45 18.34 -9.60 10.71
C PHE E 45 19.32 -10.00 9.65
N TRP E 46 19.33 -11.30 9.31
CA TRP E 46 20.22 -11.82 8.28
C TRP E 46 19.52 -12.88 7.48
N SER E 47 19.76 -12.91 6.17
CA SER E 47 19.27 -13.98 5.33
C SER E 47 20.25 -14.22 4.21
N ASP E 48 20.07 -15.33 3.54
CA ASP E 48 20.91 -15.66 2.38
C ASP E 48 20.31 -15.13 1.09
N GLY E 49 19.24 -14.34 1.17
CA GLY E 49 18.61 -13.76 0.00
C GLY E 49 17.54 -14.63 -0.64
N GLY E 50 17.25 -15.80 -0.10
CA GLY E 50 16.36 -16.74 -0.74
C GLY E 50 14.90 -16.57 -0.35
N GLY E 51 14.03 -16.64 -1.36
CA GLY E 51 12.61 -16.71 -1.10
C GLY E 51 11.99 -15.38 -0.75
N ASP E 52 10.96 -15.43 0.08
CA ASP E 52 10.29 -14.23 0.57
C ASP E 52 10.36 -14.21 2.09
N VAL E 53 10.95 -13.15 2.65
CA VAL E 53 11.05 -12.99 4.10
C VAL E 53 10.84 -11.51 4.40
N THR E 54 9.87 -11.19 5.24
CA THR E 54 9.61 -9.83 5.72
C THR E 54 9.84 -9.78 7.24
N TYR E 55 10.94 -9.14 7.64
CA TYR E 55 11.26 -8.90 9.05
C TYR E 55 10.87 -7.46 9.38
N THR E 56 10.13 -7.27 10.47
CA THR E 56 9.67 -5.95 10.87
C THR E 56 9.90 -5.69 12.34
N ASN E 57 10.77 -4.74 12.65
CA ASN E 57 10.87 -4.27 14.03
C ASN E 57 9.60 -3.54 14.44
N GLY E 58 9.17 -3.80 15.68
CA GLY E 58 7.99 -3.15 16.24
C GLY E 58 8.33 -2.32 17.45
N ASN E 59 7.31 -1.96 18.23
CA ASN E 59 7.52 -1.10 19.38
C ASN E 59 8.25 -1.87 20.48
N GLY E 60 8.98 -1.13 21.30
CA GLY E 60 9.67 -1.72 22.44
C GLY E 60 10.59 -2.84 21.99
N GLY E 61 10.48 -3.98 22.65
CA GLY E 61 11.33 -5.10 22.33
C GLY E 61 10.67 -6.08 21.39
N SER E 62 9.71 -5.60 20.56
CA SER E 62 8.92 -6.48 19.73
CA SER E 62 8.92 -6.48 19.73
C SER E 62 9.42 -6.48 18.28
N TYR E 63 9.21 -7.60 17.61
CA TYR E 63 9.50 -7.73 16.20
C TYR E 63 8.60 -8.83 15.64
N SER E 64 8.43 -8.82 14.32
CA SER E 64 7.70 -9.88 13.65
C SER E 64 8.47 -10.34 12.43
N VAL E 65 8.18 -11.57 11.99
CA VAL E 65 8.66 -12.10 10.73
C VAL E 65 7.53 -12.87 10.06
N GLU E 66 7.40 -12.70 8.75
CA GLU E 66 6.56 -13.54 7.91
C GLU E 66 7.44 -14.06 6.79
N TRP E 67 7.31 -15.35 6.46
CA TRP E 67 8.19 -15.86 5.43
C TRP E 67 7.52 -16.97 4.65
N THR E 68 7.96 -17.12 3.41
CA THR E 68 7.42 -18.11 2.48
C THR E 68 8.55 -18.68 1.66
N ASN E 69 8.77 -20.00 1.79
CA ASN E 69 9.84 -20.69 1.10
CA ASN E 69 9.87 -20.67 1.01
C ASN E 69 11.19 -19.90 1.16
N CYS E 70 11.54 -19.62 2.42
CA CYS E 70 12.81 -18.97 2.66
C CYS E 70 13.97 -19.90 2.32
N GLY E 71 15.14 -19.32 2.13
CA GLY E 71 16.36 -20.11 2.12
C GLY E 71 16.81 -20.34 3.56
N ASN E 72 17.46 -19.35 4.14
CA ASN E 72 17.86 -19.36 5.55
C ASN E 72 17.90 -17.91 6.03
N PHE E 73 17.27 -17.65 7.17
CA PHE E 73 17.29 -16.33 7.78
C PHE E 73 17.34 -16.49 9.28
N VAL E 74 17.86 -15.47 9.94
CA VAL E 74 17.89 -15.38 11.40
C VAL E 74 17.67 -13.91 11.76
N GLY E 75 16.67 -13.63 12.58
CA GLY E 75 16.48 -12.27 13.04
C GLY E 75 15.74 -12.15 14.36
N GLY E 76 15.99 -11.03 15.05
CA GLY E 76 15.25 -10.70 16.24
C GLY E 76 15.99 -9.63 17.04
N LYS E 77 15.45 -9.37 18.22
CA LYS E 77 15.84 -8.30 19.09
C LYS E 77 16.53 -8.83 20.35
N GLY E 78 17.40 -8.01 20.90
CA GLY E 78 18.12 -8.36 22.10
C GLY E 78 19.10 -7.30 22.53
N TRP E 79 20.35 -7.73 22.71
CA TRP E 79 21.38 -6.94 23.33
C TRP E 79 22.69 -7.18 22.60
N ASN E 80 23.58 -6.21 22.71
CA ASN E 80 24.92 -6.27 22.18
C ASN E 80 25.77 -5.41 23.12
N PRO E 81 26.66 -6.00 23.92
CA PRO E 81 27.00 -7.43 23.95
C PRO E 81 26.02 -8.31 24.70
N GLY E 82 26.05 -9.58 24.36
CA GLY E 82 25.37 -10.57 25.19
C GLY E 82 26.07 -10.76 26.52
N ALA E 83 25.37 -11.45 27.41
CA ALA E 83 25.88 -11.69 28.75
C ALA E 83 25.13 -12.88 29.35
N ALA E 84 25.62 -13.30 30.52
CA ALA E 84 24.88 -14.20 31.38
C ALA E 84 23.73 -13.39 31.98
N ARG E 85 22.54 -13.55 31.43
CA ARG E 85 21.38 -12.78 31.85
C ARG E 85 20.13 -13.64 31.70
N GLU E 86 19.06 -13.21 32.38
CA GLU E 86 17.77 -13.86 32.27
C GLU E 86 16.93 -13.09 31.23
N ILE E 87 16.57 -13.76 30.15
CA ILE E 87 15.90 -13.15 29.00
C ILE E 87 14.45 -13.59 29.00
N ASN E 88 13.53 -12.62 29.06
CA ASN E 88 12.13 -12.89 28.90
C ASN E 88 11.72 -12.83 27.45
N PHE E 89 10.81 -13.70 27.05
CA PHE E 89 10.24 -13.62 25.71
C PHE E 89 8.78 -14.05 25.77
N SER E 90 8.01 -13.57 24.81
CA SER E 90 6.62 -13.99 24.64
C SER E 90 6.18 -13.64 23.23
N GLY E 91 5.16 -14.31 22.76
CA GLY E 91 4.55 -14.02 21.49
C GLY E 91 4.14 -15.28 20.78
N SER E 92 4.01 -15.16 19.47
CA SER E 92 3.58 -16.26 18.63
C SER E 92 4.73 -16.71 17.74
N PHE E 93 4.79 -18.02 17.50
CA PHE E 93 5.83 -18.63 16.70
C PHE E 93 5.15 -19.80 15.97
N ASN E 94 4.73 -19.55 14.73
CA ASN E 94 3.92 -20.52 13.98
C ASN E 94 4.71 -20.97 12.77
N PRO E 95 5.72 -21.82 12.95
CA PRO E 95 6.46 -22.35 11.80
C PRO E 95 5.62 -23.34 11.01
N SER E 96 5.94 -23.44 9.72
CA SER E 96 5.39 -24.45 8.81
C SER E 96 6.58 -25.10 8.14
N GLY E 97 7.13 -26.12 8.79
CA GLY E 97 8.37 -26.71 8.32
C GLY E 97 9.50 -26.44 9.31
N ASN E 98 10.73 -26.31 8.80
CA ASN E 98 11.90 -26.16 9.64
C ASN E 98 12.07 -24.71 10.08
N GLY E 99 11.85 -24.45 11.36
CA GLY E 99 12.08 -23.14 11.94
C GLY E 99 12.25 -23.23 13.44
N TYR E 100 13.06 -22.32 14.01
CA TYR E 100 13.35 -22.34 15.43
C TYR E 100 13.12 -20.99 16.09
N LEU E 101 12.77 -21.02 17.35
CA LEU E 101 12.71 -19.86 18.22
C LEU E 101 13.76 -20.06 19.30
N SER E 102 14.75 -19.19 19.36
CA SER E 102 15.88 -19.45 20.26
CA SER E 102 15.89 -19.45 20.25
C SER E 102 16.47 -18.16 20.80
N VAL E 103 17.12 -18.26 21.95
CA VAL E 103 18.13 -17.26 22.32
C VAL E 103 19.38 -17.62 21.51
N TYR E 104 19.89 -16.66 20.75
CA TYR E 104 20.87 -16.94 19.73
C TYR E 104 21.94 -15.84 19.75
N GLY E 105 23.19 -16.22 19.59
CA GLY E 105 24.22 -15.20 19.48
C GLY E 105 25.59 -15.73 19.18
N TRP E 106 26.59 -14.86 19.40
CA TRP E 106 27.94 -15.12 18.98
C TRP E 106 28.93 -14.68 20.05
N THR E 107 30.10 -15.29 20.01
CA THR E 107 31.28 -14.78 20.69
C THR E 107 32.43 -14.70 19.69
N THR E 108 33.46 -13.93 20.05
CA THR E 108 34.72 -13.91 19.31
C THR E 108 35.89 -14.34 20.21
N ASN E 109 36.94 -14.89 19.59
CA ASN E 109 38.13 -15.38 20.27
C ASN E 109 37.77 -16.23 21.48
N PRO E 110 37.22 -17.44 21.29
CA PRO E 110 36.94 -18.05 19.99
C PRO E 110 35.65 -17.58 19.33
N LEU E 111 35.56 -17.79 18.02
CA LEU E 111 34.35 -17.52 17.26
C LEU E 111 33.37 -18.66 17.47
N VAL E 112 32.23 -18.36 18.08
CA VAL E 112 31.20 -19.35 18.37
C VAL E 112 29.84 -18.78 18.01
N GLU E 113 29.03 -19.57 17.35
CA GLU E 113 27.59 -19.34 17.19
C GLU E 113 26.83 -20.27 18.14
N TYR E 114 25.95 -19.72 18.94
CA TYR E 114 25.26 -20.55 19.92
C TYR E 114 23.75 -20.35 19.87
N TYR E 115 23.03 -21.40 20.25
CA TYR E 115 21.58 -21.46 20.18
C TYR E 115 21.07 -22.04 21.49
N ILE E 116 20.05 -21.42 22.09
CA ILE E 116 19.27 -21.99 23.17
C ILE E 116 17.84 -22.09 22.62
N VAL E 117 17.47 -23.27 22.13
CA VAL E 117 16.26 -23.40 21.31
C VAL E 117 15.08 -23.71 22.21
N GLU E 118 14.09 -22.80 22.24
CA GLU E 118 12.93 -22.94 23.09
C GLU E 118 11.80 -23.66 22.40
N SER E 119 11.78 -23.63 21.07
CA SER E 119 10.79 -24.35 20.28
C SER E 119 11.33 -24.44 18.87
N TYR E 120 11.02 -25.54 18.21
CA TYR E 120 11.33 -25.69 16.81
C TYR E 120 10.13 -26.33 16.13
N GLY E 121 10.21 -26.42 14.81
CA GLY E 121 9.08 -26.89 14.04
C GLY E 121 9.08 -28.39 13.93
N ASP E 122 9.70 -28.90 12.87
CA ASP E 122 9.62 -30.31 12.54
C ASP E 122 10.97 -30.97 12.37
N TYR E 123 12.06 -30.27 12.70
CA TYR E 123 13.42 -30.78 12.54
C TYR E 123 14.22 -30.28 13.73
N ASN E 124 14.67 -31.22 14.58
CA ASN E 124 15.57 -30.85 15.67
C ASN E 124 16.92 -30.46 15.08
N PRO E 125 17.35 -29.21 15.22
CA PRO E 125 18.60 -28.79 14.56
C PRO E 125 19.86 -29.37 15.17
N GLY E 126 19.89 -29.60 16.48
CA GLY E 126 21.04 -30.21 17.10
C GLY E 126 21.45 -31.51 16.44
N THR E 127 20.51 -32.17 15.78
CA THR E 127 20.75 -33.47 15.15
C THR E 127 21.83 -33.42 14.08
N ALA E 128 22.22 -32.23 13.63
CA ALA E 128 23.34 -32.09 12.70
C ALA E 128 24.70 -32.14 13.42
N GLY E 129 24.70 -32.14 14.75
CA GLY E 129 25.94 -32.10 15.49
C GLY E 129 26.12 -33.29 16.42
N THR E 130 27.08 -33.13 17.32
CA THR E 130 27.47 -34.17 18.28
C THR E 130 26.71 -33.98 19.57
N PHE E 131 25.88 -34.97 19.92
CA PHE E 131 25.20 -34.96 21.21
C PHE E 131 26.21 -35.11 22.34
N LEU E 132 26.10 -34.27 23.38
CA LEU E 132 27.07 -34.23 24.44
C LEU E 132 26.47 -34.48 25.83
N GLY E 133 25.17 -34.45 25.98
CA GLY E 133 24.51 -34.56 27.25
C GLY E 133 23.36 -33.58 27.43
N THR E 134 23.10 -33.17 28.66
CA THR E 134 21.88 -32.45 29.00
C THR E 134 22.19 -31.33 29.97
N VAL E 135 21.25 -30.40 30.08
CA VAL E 135 21.20 -29.43 31.14
C VAL E 135 19.75 -29.20 31.48
N ASP E 136 19.46 -29.02 32.75
CA ASP E 136 18.12 -28.66 33.21
C ASP E 136 18.09 -27.16 33.49
N SER E 137 17.17 -26.44 32.82
CA SER E 137 17.02 -25.02 33.08
C SER E 137 15.60 -24.55 32.79
N ASP E 138 15.15 -23.63 33.62
CA ASP E 138 13.86 -22.94 33.45
C ASP E 138 12.74 -23.90 33.11
N GLY E 139 12.60 -24.93 33.93
CA GLY E 139 11.48 -25.83 33.82
C GLY E 139 11.61 -26.94 32.85
N SER E 140 12.75 -27.12 32.20
CA SER E 140 12.86 -28.19 31.23
C SER E 140 14.30 -28.70 31.15
N THR E 141 14.43 -29.96 30.76
CA THR E 141 15.71 -30.53 30.34
C THR E 141 15.97 -30.09 28.90
N TYR E 142 17.23 -29.75 28.61
CA TYR E 142 17.71 -29.48 27.28
C TYR E 142 18.75 -30.50 26.87
N ASP E 143 18.71 -30.90 25.62
CA ASP E 143 19.78 -31.70 25.03
C ASP E 143 20.84 -30.81 24.39
N ILE E 144 22.10 -31.12 24.63
CA ILE E 144 23.24 -30.29 24.22
C ILE E 144 23.96 -30.97 23.07
N TYR E 145 24.36 -30.17 22.08
CA TYR E 145 25.03 -30.64 20.87
C TYR E 145 26.12 -29.66 20.49
N LYS E 146 27.19 -30.17 19.84
CA LYS E 146 28.21 -29.33 19.25
C LYS E 146 28.33 -29.65 17.77
N ALA E 147 28.36 -28.61 16.94
CA ALA E 147 28.54 -28.78 15.49
C ALA E 147 29.72 -27.94 15.02
N VAL E 148 30.24 -28.30 13.85
CA VAL E 148 31.28 -27.52 13.19
C VAL E 148 30.71 -26.93 11.92
N ARG E 149 30.93 -25.62 11.74
CA ARG E 149 30.57 -24.92 10.52
C ARG E 149 31.85 -24.65 9.76
N THR E 150 31.91 -25.10 8.50
CA THR E 150 33.09 -24.94 7.66
C THR E 150 32.80 -23.93 6.56
N ASN E 151 33.67 -22.94 6.43
CA ASN E 151 33.53 -21.86 5.47
C ASN E 151 32.07 -21.45 5.34
N ALA E 152 31.53 -20.99 6.45
CA ALA E 152 30.14 -20.56 6.56
C ALA E 152 30.08 -19.08 6.84
N PRO E 153 28.94 -18.45 6.56
CA PRO E 153 28.80 -17.02 6.89
C PRO E 153 28.89 -16.82 8.40
N SER E 154 29.41 -15.67 8.79
CA SER E 154 29.62 -15.38 10.20
C SER E 154 29.80 -13.89 10.38
N ILE E 155 29.70 -13.46 11.64
CA ILE E 155 29.97 -12.07 11.98
C ILE E 155 31.41 -11.67 11.66
N GLU E 156 32.28 -12.63 11.32
CA GLU E 156 33.63 -12.35 10.87
C GLU E 156 33.83 -12.61 9.38
N GLY E 157 32.76 -12.95 8.66
CA GLY E 157 32.89 -13.38 7.28
C GLY E 157 33.04 -14.88 7.19
N THR E 158 33.24 -15.34 5.95
CA THR E 158 33.44 -16.77 5.72
C THR E 158 34.45 -17.32 6.71
N ALA E 159 34.05 -18.33 7.46
CA ALA E 159 34.88 -18.81 8.56
C ALA E 159 34.51 -20.25 8.86
N THR E 160 35.37 -20.89 9.65
CA THR E 160 35.11 -22.21 10.21
C THR E 160 35.08 -22.07 11.72
N PHE E 161 33.97 -22.49 12.33
CA PHE E 161 33.75 -22.25 13.74
C PHE E 161 32.83 -23.31 14.33
N ASP E 162 32.82 -23.36 15.67
CA ASP E 162 31.97 -24.28 16.41
C ASP E 162 30.60 -23.65 16.68
N GLN E 163 29.60 -24.51 16.69
CA GLN E 163 28.23 -24.17 17.05
C GLN E 163 27.87 -24.90 18.35
N TYR E 164 27.35 -24.18 19.33
CA TYR E 164 26.85 -24.79 20.57
C TYR E 164 25.32 -24.72 20.59
N TRP E 165 24.68 -25.86 20.87
CA TRP E 165 23.24 -25.99 20.88
C TRP E 165 22.77 -26.50 22.24
N SER E 166 21.70 -25.89 22.75
CA SER E 166 20.89 -26.43 23.85
C SER E 166 19.47 -26.47 23.32
N ILE E 167 18.88 -27.67 23.22
CA ILE E 167 17.57 -27.86 22.58
C ILE E 167 16.56 -28.24 23.66
N ARG E 168 15.59 -27.38 23.90
CA ARG E 168 14.59 -27.61 24.95
C ARG E 168 13.69 -28.77 24.58
N ARG E 169 13.44 -29.67 25.56
CA ARG E 169 12.57 -30.81 25.27
C ARG E 169 11.10 -30.43 25.32
N ASN E 170 10.72 -29.55 26.23
CA ASN E 170 9.34 -29.09 26.40
C ASN E 170 9.21 -27.76 25.67
N HIS E 171 8.77 -27.83 24.41
CA HIS E 171 8.73 -26.61 23.58
C HIS E 171 7.79 -25.58 24.18
N ARG E 172 8.15 -24.29 24.02
CA ARG E 172 7.37 -23.19 24.56
C ARG E 172 7.67 -21.95 23.70
N THR E 173 6.75 -20.99 23.73
CA THR E 173 6.94 -19.74 22.98
C THR E 173 6.78 -18.55 23.91
N SER E 174 6.95 -18.77 25.21
CA SER E 174 7.01 -17.69 26.19
CA SER E 174 7.00 -17.69 26.20
C SER E 174 7.69 -18.22 27.44
N GLY E 175 8.32 -17.33 28.18
CA GLY E 175 9.01 -17.72 29.39
C GLY E 175 10.30 -16.95 29.56
N THR E 176 11.22 -17.53 30.33
CA THR E 176 12.47 -16.89 30.70
C THR E 176 13.61 -17.89 30.48
N VAL E 177 14.68 -17.40 29.87
CA VAL E 177 15.87 -18.22 29.62
C VAL E 177 17.02 -17.66 30.46
N ASN E 178 17.56 -18.49 31.36
CA ASN E 178 18.79 -18.12 32.07
C ASN E 178 19.98 -18.53 31.22
N THR E 179 20.54 -17.57 30.46
CA THR E 179 21.62 -17.92 29.55
C THR E 179 22.86 -18.38 30.31
N GLY E 180 23.08 -17.84 31.50
CA GLY E 180 24.20 -18.28 32.33
C GLY E 180 24.17 -19.78 32.61
N ASN E 181 22.98 -20.36 32.72
CA ASN E 181 22.90 -21.81 32.98
C ASN E 181 23.39 -22.61 31.77
N HIS E 182 23.05 -22.16 30.57
CA HIS E 182 23.55 -22.85 29.39
C HIS E 182 25.04 -22.63 29.20
N PHE E 183 25.52 -21.40 29.39
CA PHE E 183 26.95 -21.15 29.25
C PHE E 183 27.72 -22.07 30.20
N ASN E 184 27.19 -22.18 31.42
CA ASN E 184 27.81 -23.05 32.43
C ASN E 184 27.84 -24.50 31.97
N ALA E 185 26.69 -25.03 31.54
CA ALA E 185 26.59 -26.42 31.11
C ALA E 185 27.49 -26.67 29.90
N TRP E 186 27.57 -25.73 28.98
CA TRP E 186 28.46 -25.91 27.85
C TRP E 186 29.89 -25.99 28.34
N ALA E 187 30.26 -25.12 29.25
CA ALA E 187 31.63 -25.13 29.77
C ALA E 187 31.94 -26.45 30.47
N GLN E 188 30.93 -27.04 31.14
CA GLN E 188 31.14 -28.34 31.82
C GLN E 188 31.44 -29.46 30.83
N HIS E 189 31.03 -29.29 29.55
CA HIS E 189 31.34 -30.21 28.46
C HIS E 189 32.58 -29.78 27.68
N GLY E 190 33.32 -28.81 28.18
CA GLY E 190 34.54 -28.35 27.50
C GLY E 190 34.29 -27.38 26.38
N LEU E 191 33.07 -26.87 26.25
CA LEU E 191 32.70 -25.92 25.21
C LEU E 191 32.90 -24.51 25.74
N GLN E 192 33.97 -23.83 25.27
CA GLN E 192 34.37 -22.54 25.80
CA GLN E 192 34.36 -22.54 25.80
C GLN E 192 33.82 -21.43 24.92
N LEU E 193 33.42 -20.35 25.56
CA LEU E 193 32.89 -19.17 24.89
C LEU E 193 33.92 -18.06 24.95
N GLY E 194 33.91 -17.21 23.96
CA GLY E 194 34.83 -16.10 23.91
C GLY E 194 34.23 -14.81 24.39
N THR E 195 34.66 -13.71 23.78
CA THR E 195 34.11 -12.41 24.13
C THR E 195 32.74 -12.26 23.47
N HIS E 196 31.75 -11.87 24.24
CA HIS E 196 30.37 -11.83 23.73
C HIS E 196 30.20 -10.78 22.65
N ASN E 197 29.61 -11.20 21.55
CA ASN E 197 29.06 -10.29 20.54
C ASN E 197 27.55 -10.23 20.80
N TYR E 198 26.71 -10.19 19.77
CA TYR E 198 25.33 -9.91 20.05
C TYR E 198 24.61 -11.16 20.56
N GLN E 199 23.40 -10.90 21.10
CA GLN E 199 22.59 -11.92 21.77
C GLN E 199 21.12 -11.53 21.59
N ILE E 200 20.36 -12.33 20.83
CA ILE E 200 18.97 -11.97 20.54
C ILE E 200 18.05 -13.16 20.77
N VAL E 201 16.74 -12.87 20.87
CA VAL E 201 15.71 -13.89 20.76
C VAL E 201 15.35 -13.95 19.28
N ALA E 202 15.87 -14.94 18.59
CA ALA E 202 15.84 -15.02 17.15
C ALA E 202 14.76 -15.96 16.67
N THR E 203 14.14 -15.58 15.58
CA THR E 203 13.38 -16.48 14.74
C THR E 203 14.27 -16.87 13.58
N GLU E 204 14.30 -18.14 13.28
CA GLU E 204 15.12 -18.64 12.19
C GLU E 204 14.28 -19.60 11.36
N GLY E 205 14.43 -19.50 10.05
CA GLY E 205 13.74 -20.38 9.13
C GLY E 205 14.72 -21.02 8.18
N TYR E 206 14.37 -22.23 7.73
CA TYR E 206 15.20 -22.95 6.78
C TYR E 206 14.30 -23.69 5.80
N GLN E 207 14.35 -23.28 4.53
CA GLN E 207 13.59 -23.93 3.46
C GLN E 207 12.17 -24.22 3.93
N SER E 208 11.55 -23.20 4.53
CA SER E 208 10.23 -23.33 5.11
C SER E 208 9.45 -22.04 4.87
N SER E 209 8.25 -22.01 5.45
CA SER E 209 7.39 -20.85 5.54
C SER E 209 6.93 -20.73 6.97
N GLY E 210 6.36 -19.59 7.31
CA GLY E 210 5.76 -19.43 8.62
C GLY E 210 5.71 -17.96 9.03
N SER E 211 5.46 -17.76 10.32
CA SER E 211 5.35 -16.43 10.89
C SER E 211 5.75 -16.47 12.36
N SER E 212 6.20 -15.32 12.86
CA SER E 212 6.42 -15.12 14.28
C SER E 212 6.16 -13.65 14.64
N SER E 213 5.84 -13.44 15.91
CA SER E 213 5.67 -12.11 16.49
C SER E 213 6.12 -12.26 17.95
N ILE E 214 7.24 -11.64 18.29
CA ILE E 214 7.96 -11.91 19.53
C ILE E 214 8.31 -10.59 20.19
N THR E 215 8.16 -10.54 21.52
CA THR E 215 8.59 -9.41 22.31
C THR E 215 9.60 -9.87 23.35
N VAL E 216 10.68 -9.11 23.52
CA VAL E 216 11.78 -9.48 24.38
C VAL E 216 11.90 -8.47 25.50
N SER E 217 12.54 -8.90 26.60
N SER E 217 12.55 -8.90 26.59
CA SER E 217 12.78 -8.01 27.76
CA SER E 217 12.77 -8.02 27.76
C SER E 217 13.83 -8.70 28.64
C SER E 217 13.83 -8.70 28.64
N VAL E 218 14.53 -7.92 29.48
CA VAL E 218 15.53 -8.55 30.44
C VAL E 218 14.95 -8.47 31.84
N ASP E 219 15.60 -9.07 32.83
CA ASP E 219 15.07 -9.17 34.21
C ASP E 219 15.03 -7.82 34.93
#